data_2CKS
#
_entry.id   2CKS
#
_cell.length_a   48.888
_cell.length_b   70.970
_cell.length_c   75.624
_cell.angle_alpha   90.00
_cell.angle_beta   94.05
_cell.angle_gamma   90.00
#
_symmetry.space_group_name_H-M   'P 1 21 1'
#
loop_
_entity.id
_entity.type
_entity.pdbx_description
1 polymer 'ENDOGLUCANASE E-5'
2 non-polymer BENZAMIDINE
3 non-polymer 'ZINC ION'
4 non-polymer 'SODIUM ION'
5 water water
#
_entity_poly.entity_id   1
_entity_poly.type   'polypeptide(L)'
_entity_poly.pdbx_seq_one_letter_code
;TGTPVERYGKVQVCGTQLCDEHGNPVQLRGMSTHGIQWFDHCLTDSSLDALAYDWKADIIRLSMYIQEDGYETNPRGFTD
RMHQLIDMATARGLYVIVDWHILTPGDPHYNLDRAKTFFAEIAQRHASKTNVLYEIANEPNGVSWASIKSYAEEVIPVIR
QRDPDSVIIVGTRGWSSLGVSEGSGPAEIAANPVNASNIMYAFHFYAASHRDNYLNALREASELFPVFVTEFGTETYTGD
GANDFQMADRYIDLMAERKIGWTKWNYSDDFRSGAVFQPGTCASGGPWSGSSLKASGQWVRSKLQS
;
_entity_poly.pdbx_strand_id   A,B
#
loop_
_chem_comp.id
_chem_comp.type
_chem_comp.name
_chem_comp.formula
BEN non-polymer BENZAMIDINE 'C7 H8 N2'
NA non-polymer 'SODIUM ION' 'Na 1'
ZN non-polymer 'ZINC ION' 'Zn 2'
#
# COMPACT_ATOMS: atom_id res chain seq x y z
N GLY A 2 -27.96 -8.19 -32.71
CA GLY A 2 -28.48 -7.17 -31.76
C GLY A 2 -27.38 -6.48 -30.97
N THR A 3 -27.73 -5.32 -30.40
CA THR A 3 -26.81 -4.60 -29.51
C THR A 3 -26.71 -5.34 -28.18
N PRO A 4 -25.71 -5.01 -27.35
CA PRO A 4 -25.65 -5.58 -26.00
C PRO A 4 -26.97 -5.40 -25.23
N VAL A 5 -27.54 -4.20 -25.26
CA VAL A 5 -28.78 -3.94 -24.54
C VAL A 5 -29.92 -4.80 -25.07
N GLU A 6 -29.97 -5.01 -26.37
CA GLU A 6 -31.01 -5.85 -26.95
C GLU A 6 -30.83 -7.32 -26.60
N ARG A 7 -29.58 -7.75 -26.49
CA ARG A 7 -29.26 -9.14 -26.28
C ARG A 7 -29.43 -9.58 -24.82
N TYR A 8 -29.18 -8.68 -23.88
CA TYR A 8 -29.25 -9.04 -22.46
C TYR A 8 -30.43 -8.41 -21.74
N GLY A 9 -30.98 -7.33 -22.28
CA GLY A 9 -32.18 -6.72 -21.72
C GLY A 9 -31.98 -6.11 -20.34
N LYS A 10 -33.00 -6.28 -19.51
CA LYS A 10 -33.05 -5.69 -18.19
C LYS A 10 -32.19 -6.50 -17.23
N VAL A 11 -30.93 -6.14 -17.13
CA VAL A 11 -30.02 -6.92 -16.31
C VAL A 11 -30.41 -6.74 -14.83
N GLN A 12 -30.21 -7.80 -14.04
N GLN A 12 -30.19 -7.79 -14.05
CA GLN A 12 -30.52 -7.79 -12.61
CA GLN A 12 -30.42 -7.73 -12.62
C GLN A 12 -29.55 -8.72 -11.92
C GLN A 12 -29.52 -8.72 -11.92
N VAL A 13 -29.29 -8.50 -10.64
CA VAL A 13 -28.50 -9.43 -9.87
C VAL A 13 -29.29 -10.74 -9.68
N CYS A 14 -28.59 -11.84 -9.87
N CYS A 14 -28.64 -11.87 -9.89
CA CYS A 14 -29.06 -13.19 -9.60
CA CYS A 14 -29.20 -13.16 -9.51
C CYS A 14 -28.05 -13.85 -8.69
C CYS A 14 -28.16 -13.95 -8.74
N GLY A 15 -28.43 -14.15 -7.44
CA GLY A 15 -27.50 -14.75 -6.53
C GLY A 15 -26.31 -13.82 -6.34
N THR A 16 -25.12 -14.28 -6.73
CA THR A 16 -23.89 -13.49 -6.59
C THR A 16 -23.36 -12.93 -7.91
N GLN A 17 -24.17 -12.93 -8.97
CA GLN A 17 -23.73 -12.47 -10.28
C GLN A 17 -24.71 -11.49 -10.87
N LEU A 18 -24.29 -10.75 -11.89
CA LEU A 18 -25.21 -9.95 -12.71
C LEU A 18 -25.68 -10.87 -13.83
N CYS A 19 -27.00 -10.87 -14.06
N CYS A 19 -26.98 -10.88 -14.08
CA CYS A 19 -27.64 -11.74 -15.04
CA CYS A 19 -27.54 -11.76 -15.09
C CYS A 19 -28.35 -10.92 -16.10
C CYS A 19 -28.42 -10.98 -16.06
N ASP A 20 -28.60 -11.55 -17.26
CA ASP A 20 -29.48 -10.98 -18.25
C ASP A 20 -30.93 -11.20 -17.80
N GLU A 21 -31.88 -10.76 -18.59
CA GLU A 21 -33.27 -10.78 -18.16
C GLU A 21 -33.91 -12.16 -18.17
N HIS A 22 -33.15 -13.19 -18.54
CA HIS A 22 -33.61 -14.58 -18.49
C HIS A 22 -32.80 -15.47 -17.56
N GLY A 23 -32.07 -14.84 -16.64
CA GLY A 23 -31.36 -15.52 -15.58
C GLY A 23 -30.00 -16.10 -15.94
N ASN A 24 -29.49 -15.78 -17.12
CA ASN A 24 -28.15 -16.21 -17.54
C ASN A 24 -27.12 -15.20 -17.05
N PRO A 25 -26.13 -15.62 -16.27
CA PRO A 25 -25.03 -14.71 -15.90
C PRO A 25 -24.38 -14.08 -17.12
N VAL A 26 -24.13 -12.78 -17.05
CA VAL A 26 -23.56 -12.03 -18.15
C VAL A 26 -22.38 -11.20 -17.64
N GLN A 27 -21.34 -11.11 -18.46
CA GLN A 27 -20.18 -10.28 -18.19
C GLN A 27 -20.20 -9.09 -19.13
N LEU A 28 -20.48 -7.91 -18.60
CA LEU A 28 -20.49 -6.68 -19.40
C LEU A 28 -19.12 -6.04 -19.34
N ARG A 29 -18.49 -5.85 -20.51
CA ARG A 29 -17.15 -5.30 -20.59
C ARG A 29 -17.15 -4.06 -21.42
N GLY A 30 -16.39 -3.05 -20.99
CA GLY A 30 -16.36 -1.79 -21.72
C GLY A 30 -15.33 -0.83 -21.17
N MET A 31 -15.65 0.46 -21.27
CA MET A 31 -14.72 1.53 -20.95
C MET A 31 -15.36 2.54 -20.04
N SER A 32 -14.52 3.13 -19.19
CA SER A 32 -14.88 4.30 -18.43
C SER A 32 -14.38 5.55 -19.14
N THR A 33 -15.20 6.59 -19.19
CA THR A 33 -14.70 7.91 -19.55
C THR A 33 -13.77 8.37 -18.46
N HIS A 34 -12.97 9.39 -18.79
CA HIS A 34 -12.24 10.12 -17.77
C HIS A 34 -13.23 11.17 -17.27
N GLY A 35 -12.80 12.06 -16.41
CA GLY A 35 -13.72 13.04 -15.84
C GLY A 35 -14.27 13.92 -16.93
N ILE A 36 -15.59 14.09 -16.99
CA ILE A 36 -16.19 14.89 -18.06
C ILE A 36 -15.88 16.40 -17.93
N GLN A 37 -15.41 16.84 -16.77
CA GLN A 37 -14.97 18.24 -16.61
C GLN A 37 -13.65 18.54 -17.31
N TRP A 38 -12.90 17.49 -17.65
CA TRP A 38 -11.61 17.64 -18.32
C TRP A 38 -11.61 17.08 -19.75
N PHE A 39 -12.37 16.01 -19.99
CA PHE A 39 -12.28 15.27 -21.25
C PHE A 39 -13.63 15.09 -21.92
N ASP A 40 -14.47 16.10 -21.76
CA ASP A 40 -15.76 16.12 -22.41
C ASP A 40 -15.61 16.11 -23.92
N HIS A 41 -14.56 16.77 -24.41
CA HIS A 41 -14.29 16.84 -25.86
C HIS A 41 -13.91 15.50 -26.51
N CYS A 42 -13.62 14.48 -25.68
N CYS A 42 -13.64 14.49 -25.67
CA CYS A 42 -13.36 13.12 -26.17
CA CYS A 42 -13.36 13.13 -26.12
C CYS A 42 -14.62 12.30 -26.33
C CYS A 42 -14.62 12.32 -26.37
N LEU A 43 -15.77 12.85 -25.98
CA LEU A 43 -17.04 12.13 -26.02
C LEU A 43 -17.94 12.77 -27.06
N THR A 44 -17.86 12.24 -28.27
CA THR A 44 -18.57 12.78 -29.41
C THR A 44 -19.36 11.69 -30.10
N ASP A 45 -20.20 12.07 -31.04
N ASP A 45 -20.19 12.10 -31.04
CA ASP A 45 -20.90 11.10 -31.86
CA ASP A 45 -20.90 11.17 -31.91
C ASP A 45 -19.89 10.12 -32.44
C ASP A 45 -19.92 10.15 -32.47
N SER A 46 -18.82 10.64 -33.03
CA SER A 46 -17.81 9.79 -33.65
C SER A 46 -17.11 8.83 -32.67
N SER A 47 -16.66 9.33 -31.53
CA SER A 47 -15.90 8.49 -30.59
C SER A 47 -16.78 7.46 -29.92
N LEU A 48 -18.04 7.81 -29.65
CA LEU A 48 -18.98 6.88 -29.03
C LEU A 48 -19.47 5.84 -30.02
N ASP A 49 -19.66 6.22 -31.29
CA ASP A 49 -19.98 5.24 -32.31
C ASP A 49 -18.86 4.22 -32.42
N ALA A 50 -17.61 4.69 -32.37
CA ALA A 50 -16.47 3.78 -32.44
C ALA A 50 -16.48 2.80 -31.26
N LEU A 51 -16.72 3.32 -30.06
CA LEU A 51 -16.73 2.47 -28.88
C LEU A 51 -17.79 1.36 -29.00
N ALA A 52 -18.96 1.70 -29.51
CA ALA A 52 -20.07 0.76 -29.57
C ALA A 52 -19.91 -0.19 -30.74
N TYR A 53 -19.69 0.36 -31.93
CA TYR A 53 -19.77 -0.41 -33.17
C TYR A 53 -18.46 -1.06 -33.58
N ASP A 54 -17.33 -0.43 -33.28
CA ASP A 54 -16.03 -0.95 -33.68
C ASP A 54 -15.34 -1.72 -32.54
N TRP A 55 -15.30 -1.10 -31.36
CA TRP A 55 -14.68 -1.73 -30.19
C TRP A 55 -15.55 -2.85 -29.61
N LYS A 56 -16.86 -2.79 -29.88
CA LYS A 56 -17.82 -3.78 -29.38
C LYS A 56 -17.95 -3.78 -27.86
N ALA A 57 -17.83 -2.60 -27.26
CA ALA A 57 -18.07 -2.47 -25.82
C ALA A 57 -19.54 -2.79 -25.52
N ASP A 58 -19.77 -3.42 -24.36
CA ASP A 58 -21.12 -3.64 -23.84
C ASP A 58 -21.67 -2.47 -23.03
N ILE A 59 -20.75 -1.68 -22.47
CA ILE A 59 -21.09 -0.76 -21.40
C ILE A 59 -20.09 0.40 -21.38
N ILE A 60 -20.59 1.57 -20.99
CA ILE A 60 -19.77 2.76 -20.80
C ILE A 60 -20.07 3.30 -19.42
N ARG A 61 -19.01 3.64 -18.69
CA ARG A 61 -19.16 4.30 -17.41
C ARG A 61 -18.89 5.79 -17.62
N LEU A 62 -19.87 6.60 -17.21
CA LEU A 62 -19.79 8.05 -17.33
C LEU A 62 -19.30 8.64 -16.01
N SER A 63 -18.03 9.05 -15.98
CA SER A 63 -17.38 9.45 -14.75
C SER A 63 -17.51 10.95 -14.56
N MET A 64 -18.29 11.33 -13.56
CA MET A 64 -18.52 12.72 -13.23
C MET A 64 -17.90 13.04 -11.87
N TYR A 65 -16.74 13.67 -11.88
CA TYR A 65 -16.14 14.19 -10.66
C TYR A 65 -17.07 15.24 -10.05
N ILE A 66 -17.01 15.37 -8.73
CA ILE A 66 -17.85 16.33 -8.01
C ILE A 66 -17.00 17.54 -7.62
N GLN A 67 -15.87 17.28 -6.97
CA GLN A 67 -14.84 18.27 -6.76
C GLN A 67 -13.92 18.28 -7.99
N GLU A 68 -12.73 18.87 -7.88
CA GLU A 68 -11.77 18.92 -8.99
C GLU A 68 -12.39 19.52 -10.26
N ASP A 69 -13.11 20.62 -10.07
CA ASP A 69 -13.75 21.40 -11.15
C ASP A 69 -14.93 20.69 -11.80
N GLY A 70 -15.49 19.71 -11.09
CA GLY A 70 -16.60 18.93 -11.57
C GLY A 70 -17.95 19.49 -11.18
N TYR A 71 -18.88 18.58 -10.85
CA TYR A 71 -20.28 18.89 -10.64
C TYR A 71 -20.55 20.11 -9.77
N GLU A 72 -19.81 20.24 -8.67
CA GLU A 72 -20.08 21.34 -7.72
C GLU A 72 -19.96 22.71 -8.35
N THR A 73 -19.16 22.84 -9.41
CA THR A 73 -18.97 24.12 -10.10
C THR A 73 -20.15 24.53 -10.99
N ASN A 74 -20.97 23.57 -11.41
CA ASN A 74 -22.13 23.86 -12.26
C ASN A 74 -23.10 22.68 -12.26
N PRO A 75 -23.80 22.45 -11.15
CA PRO A 75 -24.69 21.29 -11.06
C PRO A 75 -25.67 21.15 -12.23
N ARG A 76 -26.28 22.24 -12.65
CA ARG A 76 -27.23 22.20 -13.76
C ARG A 76 -26.57 21.77 -15.07
N GLY A 77 -25.43 22.38 -15.42
CA GLY A 77 -24.77 22.06 -16.67
C GLY A 77 -24.25 20.63 -16.69
N PHE A 78 -23.67 20.19 -15.59
CA PHE A 78 -23.17 18.81 -15.51
C PHE A 78 -24.30 17.80 -15.57
N THR A 79 -25.41 18.09 -14.90
CA THR A 79 -26.55 17.17 -14.93
C THR A 79 -27.11 17.06 -16.35
N ASP A 80 -27.25 18.19 -17.04
CA ASP A 80 -27.78 18.18 -18.39
C ASP A 80 -26.87 17.41 -19.34
N ARG A 81 -25.56 17.53 -19.17
CA ARG A 81 -24.64 16.77 -19.99
C ARG A 81 -24.73 15.26 -19.70
N MET A 82 -24.93 14.91 -18.44
N MET A 82 -24.97 14.91 -18.44
CA MET A 82 -25.09 13.51 -18.07
CA MET A 82 -25.16 13.51 -18.07
C MET A 82 -26.35 12.92 -18.71
C MET A 82 -26.44 12.96 -18.70
N HIS A 83 -27.46 13.66 -18.69
N HIS A 83 -27.51 13.75 -18.72
CA HIS A 83 -28.67 13.23 -19.38
CA HIS A 83 -28.74 13.34 -19.38
C HIS A 83 -28.37 12.97 -20.85
C HIS A 83 -28.44 13.03 -20.84
N GLN A 84 -27.67 13.91 -21.48
CA GLN A 84 -27.34 13.79 -22.89
C GLN A 84 -26.49 12.56 -23.14
N LEU A 85 -25.50 12.30 -22.29
CA LEU A 85 -24.62 11.16 -22.49
C LEU A 85 -25.33 9.84 -22.23
N ILE A 86 -26.26 9.81 -21.27
CA ILE A 86 -27.04 8.61 -21.01
C ILE A 86 -27.88 8.27 -22.24
N ASP A 87 -28.52 9.27 -22.82
CA ASP A 87 -29.31 9.08 -24.03
C ASP A 87 -28.44 8.65 -25.21
N MET A 88 -27.26 9.25 -25.35
CA MET A 88 -26.36 8.91 -26.46
C MET A 88 -25.91 7.47 -26.34
N ALA A 89 -25.55 7.05 -25.14
CA ALA A 89 -25.10 5.67 -24.94
C ALA A 89 -26.23 4.70 -25.26
N THR A 90 -27.44 5.03 -24.82
CA THR A 90 -28.61 4.20 -25.07
C THR A 90 -28.91 4.08 -26.56
N ALA A 91 -28.74 5.17 -27.29
CA ALA A 91 -28.95 5.21 -28.74
C ALA A 91 -27.81 4.54 -29.52
N ARG A 92 -26.84 3.98 -28.82
CA ARG A 92 -25.77 3.18 -29.41
C ARG A 92 -25.75 1.76 -28.84
N GLY A 93 -26.79 1.41 -28.08
CA GLY A 93 -26.99 0.06 -27.61
C GLY A 93 -26.12 -0.36 -26.44
N LEU A 94 -25.62 0.62 -25.70
CA LEU A 94 -24.74 0.39 -24.56
C LEU A 94 -25.45 0.48 -23.22
N TYR A 95 -25.05 -0.38 -22.30
CA TYR A 95 -25.34 -0.18 -20.89
C TYR A 95 -24.55 1.04 -20.43
N VAL A 96 -25.07 1.70 -19.41
CA VAL A 96 -24.45 2.91 -18.90
C VAL A 96 -24.33 2.83 -17.41
N ILE A 97 -23.14 3.11 -16.88
CA ILE A 97 -22.96 3.32 -15.45
C ILE A 97 -22.86 4.80 -15.19
N VAL A 98 -23.73 5.32 -14.33
CA VAL A 98 -23.66 6.71 -13.92
C VAL A 98 -22.79 6.76 -12.68
N ASP A 99 -21.61 7.34 -12.84
CA ASP A 99 -20.57 7.31 -11.82
C ASP A 99 -20.45 8.65 -11.10
N TRP A 100 -20.95 8.67 -9.88
CA TRP A 100 -20.76 9.75 -8.93
C TRP A 100 -19.33 9.68 -8.40
N HIS A 101 -18.44 10.41 -9.06
CA HIS A 101 -17.01 10.13 -9.00
C HIS A 101 -16.32 10.89 -7.87
N ILE A 102 -16.66 10.51 -6.65
CA ILE A 102 -16.01 11.06 -5.48
C ILE A 102 -14.62 10.44 -5.35
N LEU A 103 -13.70 11.24 -4.83
CA LEU A 103 -12.31 10.81 -4.66
C LEU A 103 -11.66 11.58 -3.51
N THR A 104 -11.65 12.91 -3.63
CA THR A 104 -11.12 13.81 -2.60
C THR A 104 -12.05 15.02 -2.48
N PRO A 105 -12.73 15.21 -1.35
CA PRO A 105 -12.71 14.35 -0.15
C PRO A 105 -13.19 12.91 -0.36
N GLY A 106 -12.63 12.01 0.44
CA GLY A 106 -12.86 10.59 0.32
C GLY A 106 -14.05 10.04 1.08
N ASP A 107 -14.62 10.82 1.99
CA ASP A 107 -15.80 10.39 2.72
C ASP A 107 -17.01 10.68 1.82
N PRO A 108 -17.74 9.65 1.38
CA PRO A 108 -18.88 9.90 0.50
C PRO A 108 -19.92 10.83 1.11
N HIS A 109 -20.03 10.85 2.44
CA HIS A 109 -21.02 11.72 3.06
C HIS A 109 -20.78 13.21 2.78
N TYR A 110 -19.54 13.59 2.51
CA TYR A 110 -19.22 14.97 2.10
C TYR A 110 -20.10 15.45 0.94
N ASN A 111 -20.48 14.52 0.06
CA ASN A 111 -21.27 14.84 -1.13
C ASN A 111 -22.68 14.24 -1.11
N LEU A 112 -23.16 13.85 0.06
CA LEU A 112 -24.45 13.16 0.17
C LEU A 112 -25.63 14.03 -0.28
N ASP A 113 -25.70 15.26 0.20
CA ASP A 113 -26.81 16.15 -0.13
C ASP A 113 -26.90 16.36 -1.65
N ARG A 114 -25.75 16.62 -2.28
CA ARG A 114 -25.66 16.74 -3.73
C ARG A 114 -26.05 15.45 -4.43
N ALA A 115 -25.60 14.32 -3.89
CA ALA A 115 -25.84 13.01 -4.50
C ALA A 115 -27.33 12.70 -4.53
N LYS A 116 -28.03 13.04 -3.46
CA LYS A 116 -29.46 12.81 -3.41
C LYS A 116 -30.17 13.65 -4.47
N THR A 117 -29.76 14.91 -4.63
CA THR A 117 -30.35 15.78 -5.63
C THR A 117 -30.10 15.27 -7.03
N PHE A 118 -28.86 14.91 -7.31
CA PHE A 118 -28.47 14.46 -8.65
C PHE A 118 -29.16 13.14 -8.99
N PHE A 119 -29.04 12.15 -8.10
CA PHE A 119 -29.61 10.82 -8.36
C PHE A 119 -31.13 10.84 -8.42
N ALA A 120 -31.78 11.69 -7.63
CA ALA A 120 -33.23 11.83 -7.75
C ALA A 120 -33.61 12.28 -9.15
N GLU A 121 -32.89 13.26 -9.69
CA GLU A 121 -33.18 13.74 -11.03
C GLU A 121 -32.90 12.68 -12.10
N ILE A 122 -31.76 12.00 -11.99
CA ILE A 122 -31.38 10.99 -12.97
C ILE A 122 -32.35 9.83 -12.92
N ALA A 123 -32.65 9.33 -11.73
CA ALA A 123 -33.54 8.17 -11.60
C ALA A 123 -34.95 8.45 -12.11
N GLN A 124 -35.48 9.65 -11.85
N GLN A 124 -35.44 9.67 -11.88
CA GLN A 124 -36.82 10.00 -12.33
CA GLN A 124 -36.78 10.07 -12.29
C GLN A 124 -36.83 10.07 -13.84
C GLN A 124 -36.91 10.25 -13.80
N ARG A 125 -35.85 10.78 -14.42
CA ARG A 125 -35.81 10.97 -15.87
C ARG A 125 -35.66 9.66 -16.63
N HIS A 126 -34.84 8.77 -16.09
CA HIS A 126 -34.45 7.56 -16.82
C HIS A 126 -35.03 6.26 -16.25
N ALA A 127 -36.05 6.38 -15.39
CA ALA A 127 -36.69 5.22 -14.77
C ALA A 127 -37.18 4.16 -15.77
N SER A 128 -37.65 4.60 -16.94
CA SER A 128 -38.17 3.67 -17.94
C SER A 128 -37.08 2.88 -18.66
N LYS A 129 -35.85 3.37 -18.64
CA LYS A 129 -34.72 2.65 -19.22
C LYS A 129 -34.40 1.41 -18.39
N THR A 130 -33.87 0.38 -19.05
CA THR A 130 -33.45 -0.84 -18.36
C THR A 130 -31.93 -1.08 -18.45
N ASN A 131 -31.20 -0.11 -19.00
CA ASN A 131 -29.79 -0.26 -19.29
C ASN A 131 -28.88 0.64 -18.46
N VAL A 132 -29.44 1.29 -17.45
CA VAL A 132 -28.71 2.24 -16.62
C VAL A 132 -28.47 1.62 -15.24
N LEU A 133 -27.21 1.64 -14.81
CA LEU A 133 -26.77 1.22 -13.49
C LEU A 133 -26.22 2.47 -12.77
N TYR A 134 -26.39 2.53 -11.46
CA TYR A 134 -26.03 3.71 -10.68
C TYR A 134 -24.88 3.40 -9.75
N GLU A 135 -23.77 4.12 -9.91
CA GLU A 135 -22.58 3.93 -9.08
C GLU A 135 -22.52 5.12 -8.12
N ILE A 136 -22.85 4.89 -6.85
CA ILE A 136 -23.17 5.99 -5.93
C ILE A 136 -21.97 6.62 -5.19
N ALA A 137 -20.80 6.00 -5.28
CA ALA A 137 -19.59 6.53 -4.63
C ALA A 137 -18.34 5.83 -5.18
N ASN A 138 -17.80 6.39 -6.25
CA ASN A 138 -16.62 5.84 -6.94
C ASN A 138 -15.55 5.20 -6.05
N GLU A 139 -14.84 6.02 -5.27
N GLU A 139 -14.86 6.02 -5.27
CA GLU A 139 -13.69 5.57 -4.48
CA GLU A 139 -13.70 5.58 -4.50
C GLU A 139 -13.68 6.14 -3.06
C GLU A 139 -13.72 6.17 -3.09
N PRO A 140 -14.49 5.56 -2.17
CA PRO A 140 -14.42 5.93 -0.75
C PRO A 140 -13.02 5.70 -0.23
N ASN A 141 -12.50 6.60 0.57
CA ASN A 141 -11.21 6.39 1.21
C ASN A 141 -11.14 7.15 2.53
N GLY A 142 -10.39 6.57 3.46
CA GLY A 142 -10.23 7.13 4.79
C GLY A 142 -11.41 6.91 5.70
N VAL A 143 -12.34 6.05 5.28
CA VAL A 143 -13.58 5.78 6.02
C VAL A 143 -13.78 4.28 6.27
N SER A 144 -14.51 3.98 7.34
CA SER A 144 -14.82 2.60 7.69
C SER A 144 -15.84 2.03 6.73
N TRP A 145 -15.89 0.70 6.66
CA TRP A 145 -16.94 0.03 5.91
C TRP A 145 -18.32 0.38 6.46
N ALA A 146 -18.49 0.41 7.78
CA ALA A 146 -19.80 0.76 8.35
C ALA A 146 -20.31 2.13 7.89
N SER A 147 -19.41 3.09 7.71
N SER A 147 -19.39 3.08 7.71
N SER A 147 -19.38 3.08 7.71
CA SER A 147 -19.84 4.42 7.27
CA SER A 147 -19.75 4.42 7.27
CA SER A 147 -19.71 4.43 7.26
C SER A 147 -20.21 4.42 5.79
C SER A 147 -20.15 4.46 5.80
C SER A 147 -20.17 4.42 5.81
N ILE A 148 -19.53 3.59 4.98
CA ILE A 148 -19.90 3.47 3.57
C ILE A 148 -21.27 2.81 3.46
N LYS A 149 -21.49 1.79 4.28
CA LYS A 149 -22.77 1.10 4.31
C LYS A 149 -23.90 2.07 4.71
N SER A 150 -23.69 2.90 5.72
N SER A 150 -23.66 2.89 5.72
CA SER A 150 -24.73 3.84 6.13
CA SER A 150 -24.63 3.88 6.18
C SER A 150 -24.96 4.92 5.07
C SER A 150 -24.94 4.89 5.07
N TYR A 151 -23.90 5.32 4.36
CA TYR A 151 -24.04 6.25 3.25
C TYR A 151 -24.92 5.62 2.17
N ALA A 152 -24.62 4.37 1.83
CA ALA A 152 -25.34 3.66 0.78
C ALA A 152 -26.82 3.57 1.14
N GLU A 153 -27.09 3.34 2.42
CA GLU A 153 -28.47 3.18 2.89
C GLU A 153 -29.23 4.50 2.94
N GLU A 154 -28.52 5.62 2.88
CA GLU A 154 -29.13 6.95 2.72
C GLU A 154 -29.47 7.29 1.25
N VAL A 155 -28.63 6.86 0.31
CA VAL A 155 -28.80 7.20 -1.10
C VAL A 155 -29.70 6.21 -1.84
N ILE A 156 -29.57 4.93 -1.52
CA ILE A 156 -30.30 3.88 -2.23
C ILE A 156 -31.81 4.14 -2.26
N PRO A 157 -32.45 4.46 -1.14
CA PRO A 157 -33.89 4.73 -1.15
C PRO A 157 -34.32 5.91 -2.03
N VAL A 158 -33.46 6.91 -2.18
CA VAL A 158 -33.76 8.04 -3.06
C VAL A 158 -33.88 7.54 -4.51
N ILE A 159 -32.95 6.69 -4.92
CA ILE A 159 -33.00 6.08 -6.26
C ILE A 159 -34.18 5.12 -6.41
N ARG A 160 -34.36 4.24 -5.43
CA ARG A 160 -35.31 3.14 -5.52
C ARG A 160 -36.76 3.64 -5.46
N GLN A 161 -36.95 4.80 -4.86
CA GLN A 161 -38.26 5.43 -4.81
C GLN A 161 -38.74 5.78 -6.22
N ARG A 162 -37.79 6.13 -7.07
CA ARG A 162 -38.07 6.60 -8.43
C ARG A 162 -37.83 5.55 -9.50
N ASP A 163 -36.93 4.62 -9.22
CA ASP A 163 -36.49 3.64 -10.20
C ASP A 163 -36.18 2.37 -9.41
N PRO A 164 -37.23 1.63 -9.04
CA PRO A 164 -37.06 0.48 -8.14
C PRO A 164 -36.24 -0.70 -8.70
N ASP A 165 -36.22 -0.86 -10.02
N ASP A 165 -36.10 -0.76 -10.02
CA ASP A 165 -35.71 -2.10 -10.64
CA ASP A 165 -35.47 -1.90 -10.66
C ASP A 165 -34.33 -1.98 -11.28
C ASP A 165 -33.96 -1.78 -10.89
N SER A 166 -33.54 -1.05 -10.76
N SER A 166 -33.40 -0.58 -10.83
CA SER A 166 -32.22 -0.75 -11.31
CA SER A 166 -32.05 -0.42 -11.34
C SER A 166 -31.12 -1.26 -10.37
C SER A 166 -31.01 -0.99 -10.38
N VAL A 167 -29.98 -1.55 -10.97
CA VAL A 167 -28.85 -2.09 -10.22
C VAL A 167 -28.04 -0.93 -9.72
N ILE A 168 -27.63 -1.02 -8.45
CA ILE A 168 -26.80 -0.01 -7.83
C ILE A 168 -25.47 -0.64 -7.45
N ILE A 169 -24.38 0.05 -7.78
CA ILE A 169 -23.04 -0.38 -7.48
C ILE A 169 -22.51 0.48 -6.33
N VAL A 170 -22.02 -0.16 -5.28
CA VAL A 170 -21.59 0.52 -4.07
C VAL A 170 -20.07 0.43 -3.95
N GLY A 171 -19.43 1.59 -3.78
CA GLY A 171 -17.99 1.66 -3.61
C GLY A 171 -17.57 0.98 -2.32
N THR A 172 -16.30 0.60 -2.25
CA THR A 172 -15.77 -0.14 -1.10
C THR A 172 -14.57 0.57 -0.49
N ARG A 173 -14.14 0.07 0.66
CA ARG A 173 -13.07 0.71 1.41
C ARG A 173 -11.77 0.81 0.63
N GLY A 174 -11.04 1.90 0.86
CA GLY A 174 -9.68 2.00 0.35
C GLY A 174 -9.61 2.13 -1.15
N TRP A 175 -10.24 3.20 -1.66
CA TRP A 175 -10.34 3.45 -3.09
C TRP A 175 -10.96 2.26 -3.82
N SER A 176 -12.04 1.76 -3.24
CA SER A 176 -12.78 0.62 -3.80
C SER A 176 -11.85 -0.56 -4.07
N SER A 177 -10.99 -0.86 -3.11
CA SER A 177 -10.12 -2.03 -3.18
C SER A 177 -10.64 -3.20 -2.34
N LEU A 178 -11.94 -3.20 -2.06
CA LEU A 178 -12.55 -4.17 -1.15
C LEU A 178 -11.84 -4.17 0.20
N GLY A 179 -11.29 -3.02 0.57
CA GLY A 179 -10.56 -2.88 1.82
C GLY A 179 -9.08 -3.26 1.77
N VAL A 180 -8.61 -3.84 0.68
CA VAL A 180 -7.24 -4.38 0.63
C VAL A 180 -6.18 -3.30 0.90
N SER A 181 -6.37 -2.11 0.33
N SER A 181 -6.39 -2.11 0.33
CA SER A 181 -5.40 -1.03 0.46
CA SER A 181 -5.45 -0.99 0.44
C SER A 181 -5.36 -0.42 1.87
C SER A 181 -5.45 -0.31 1.81
N GLU A 182 -6.39 -0.71 2.67
CA GLU A 182 -6.46 -0.20 4.05
C GLU A 182 -6.38 -1.35 5.07
N GLY A 183 -5.73 -2.44 4.67
CA GLY A 183 -5.46 -3.56 5.55
C GLY A 183 -6.60 -4.50 5.88
N SER A 184 -7.64 -4.51 5.05
CA SER A 184 -8.82 -5.36 5.25
C SER A 184 -9.10 -6.19 4.00
N GLY A 185 -10.36 -6.59 3.82
CA GLY A 185 -10.74 -7.42 2.69
C GLY A 185 -12.23 -7.55 2.56
N PRO A 186 -12.70 -8.30 1.56
CA PRO A 186 -14.13 -8.41 1.28
C PRO A 186 -14.96 -9.12 2.35
N ALA A 187 -14.32 -9.90 3.22
CA ALA A 187 -15.07 -10.56 4.30
C ALA A 187 -15.80 -9.53 5.18
N GLU A 188 -15.22 -8.34 5.32
CA GLU A 188 -15.84 -7.27 6.09
C GLU A 188 -17.21 -6.89 5.52
N ILE A 189 -17.30 -6.84 4.20
CA ILE A 189 -18.56 -6.52 3.52
C ILE A 189 -19.58 -7.65 3.72
N ALA A 190 -19.14 -8.89 3.54
CA ALA A 190 -20.05 -10.03 3.64
C ALA A 190 -20.65 -10.16 5.03
N ALA A 191 -19.88 -9.76 6.05
CA ALA A 191 -20.33 -9.81 7.44
C ALA A 191 -21.31 -8.70 7.80
N ASN A 192 -21.30 -7.61 7.03
CA ASN A 192 -22.16 -6.45 7.28
C ASN A 192 -22.59 -5.84 5.95
N PRO A 193 -23.38 -6.56 5.17
CA PRO A 193 -23.69 -6.12 3.80
C PRO A 193 -24.68 -4.96 3.77
N VAL A 194 -24.67 -4.21 2.68
CA VAL A 194 -25.70 -3.20 2.45
C VAL A 194 -27.06 -3.92 2.47
N ASN A 195 -28.01 -3.36 3.21
CA ASN A 195 -29.34 -3.95 3.42
C ASN A 195 -30.26 -3.57 2.25
N ALA A 196 -29.89 -4.03 1.08
CA ALA A 196 -30.68 -3.88 -0.13
C ALA A 196 -30.22 -4.98 -1.05
N SER A 197 -31.06 -5.30 -2.01
CA SER A 197 -30.71 -6.26 -3.02
C SER A 197 -30.66 -5.58 -4.39
N ASN A 198 -30.32 -6.36 -5.40
CA ASN A 198 -29.95 -5.82 -6.68
C ASN A 198 -28.79 -4.84 -6.53
N ILE A 199 -27.84 -5.19 -5.65
N ILE A 199 -27.84 -5.16 -5.67
CA ILE A 199 -26.66 -4.40 -5.36
CA ILE A 199 -26.67 -4.33 -5.52
C ILE A 199 -25.42 -5.14 -5.85
C ILE A 199 -25.38 -5.10 -5.76
N MET A 200 -24.43 -4.40 -6.35
CA MET A 200 -23.09 -4.92 -6.62
C MET A 200 -22.09 -4.05 -5.87
N TYR A 201 -20.91 -4.58 -5.68
CA TYR A 201 -19.84 -3.87 -4.97
C TYR A 201 -18.69 -3.64 -5.92
N ALA A 202 -18.10 -2.46 -5.83
CA ALA A 202 -17.04 -2.09 -6.75
C ALA A 202 -15.66 -2.56 -6.30
N PHE A 203 -14.84 -2.97 -7.27
CA PHE A 203 -13.42 -3.23 -7.05
C PHE A 203 -12.62 -2.54 -8.14
N HIS A 204 -11.55 -1.88 -7.72
CA HIS A 204 -10.63 -1.18 -8.63
C HIS A 204 -9.23 -1.71 -8.44
N PHE A 205 -8.50 -1.86 -9.53
CA PHE A 205 -7.12 -2.30 -9.46
C PHE A 205 -6.31 -1.74 -10.62
N TYR A 206 -5.00 -1.66 -10.41
CA TYR A 206 -4.05 -1.21 -11.41
C TYR A 206 -2.96 -2.27 -11.42
N ALA A 207 -2.88 -3.04 -12.51
CA ALA A 207 -2.16 -4.32 -12.53
C ALA A 207 -0.66 -4.22 -12.25
N ALA A 208 -0.02 -3.11 -12.62
CA ALA A 208 1.42 -3.01 -12.40
C ALA A 208 1.75 -2.84 -10.91
N SER A 209 0.81 -2.28 -10.16
CA SER A 209 0.95 -2.04 -8.72
C SER A 209 0.25 -3.07 -7.83
N HIS A 210 -0.82 -3.68 -8.34
CA HIS A 210 -1.72 -4.48 -7.51
C HIS A 210 -1.62 -5.92 -7.95
N ARG A 211 -0.94 -6.72 -7.13
CA ARG A 211 -0.50 -8.05 -7.50
C ARG A 211 -1.41 -9.12 -6.88
N ASP A 212 -0.84 -10.22 -6.39
CA ASP A 212 -1.63 -11.39 -6.02
C ASP A 212 -2.61 -11.16 -4.86
N ASN A 213 -2.28 -10.27 -3.93
N ASN A 213 -2.25 -10.27 -3.94
CA ASN A 213 -3.19 -9.99 -2.82
CA ASN A 213 -3.13 -9.89 -2.83
C ASN A 213 -4.47 -9.27 -3.27
C ASN A 213 -4.46 -9.33 -3.33
N TYR A 214 -4.38 -8.48 -4.34
CA TYR A 214 -5.56 -7.85 -4.91
C TYR A 214 -6.36 -8.84 -5.77
N LEU A 215 -5.66 -9.63 -6.57
CA LEU A 215 -6.30 -10.67 -7.38
C LEU A 215 -7.04 -11.68 -6.48
N ASN A 216 -6.39 -12.11 -5.42
CA ASN A 216 -7.00 -13.02 -4.45
C ASN A 216 -8.27 -12.44 -3.81
N ALA A 217 -8.24 -11.15 -3.45
CA ALA A 217 -9.38 -10.49 -2.85
C ALA A 217 -10.56 -10.43 -3.80
N LEU A 218 -10.30 -10.23 -5.09
CA LEU A 218 -11.36 -10.22 -6.09
C LEU A 218 -12.01 -11.61 -6.21
N ARG A 219 -11.18 -12.64 -6.25
N ARG A 219 -11.17 -12.64 -6.26
CA ARG A 219 -11.67 -14.03 -6.25
CA ARG A 219 -11.64 -14.03 -6.24
C ARG A 219 -12.53 -14.30 -5.02
C ARG A 219 -12.52 -14.29 -5.02
N GLU A 220 -12.01 -13.91 -3.86
CA GLU A 220 -12.71 -14.08 -2.58
C GLU A 220 -14.07 -13.38 -2.58
N ALA A 221 -14.09 -12.13 -3.04
CA ALA A 221 -15.31 -11.34 -3.01
C ALA A 221 -16.37 -11.98 -3.90
N SER A 222 -15.94 -12.50 -5.04
CA SER A 222 -16.89 -13.02 -6.03
C SER A 222 -17.60 -14.28 -5.52
N GLU A 223 -17.05 -14.95 -4.50
CA GLU A 223 -17.76 -16.04 -3.81
C GLU A 223 -18.94 -15.56 -2.96
N LEU A 224 -18.88 -14.31 -2.49
CA LEU A 224 -19.76 -13.81 -1.43
C LEU A 224 -20.86 -12.85 -1.89
N PHE A 225 -20.59 -12.10 -2.94
CA PHE A 225 -21.52 -11.06 -3.40
C PHE A 225 -21.14 -10.63 -4.82
N PRO A 226 -22.02 -9.93 -5.53
CA PRO A 226 -21.71 -9.50 -6.89
C PRO A 226 -20.71 -8.37 -6.90
N VAL A 227 -19.70 -8.49 -7.76
CA VAL A 227 -18.66 -7.48 -7.91
C VAL A 227 -18.69 -6.95 -9.35
N PHE A 228 -18.52 -5.64 -9.50
CA PHE A 228 -18.27 -5.05 -10.81
C PHE A 228 -16.98 -4.25 -10.72
N VAL A 229 -16.09 -4.49 -11.66
CA VAL A 229 -14.84 -3.75 -11.70
C VAL A 229 -15.07 -2.46 -12.50
N THR A 230 -15.53 -1.41 -11.81
CA THR A 230 -15.90 -0.17 -12.49
C THR A 230 -14.71 0.67 -12.95
N GLU A 231 -13.51 0.33 -12.48
CA GLU A 231 -12.32 1.06 -12.89
C GLU A 231 -11.10 0.17 -12.73
N PHE A 232 -10.35 -0.04 -13.81
CA PHE A 232 -9.05 -0.69 -13.68
C PHE A 232 -8.08 -0.21 -14.74
N GLY A 233 -6.82 -0.43 -14.47
CA GLY A 233 -5.75 -0.11 -15.40
C GLY A 233 -4.75 -1.23 -15.46
N THR A 234 -3.91 -1.18 -16.50
CA THR A 234 -2.84 -2.14 -16.67
C THR A 234 -1.51 -1.59 -16.17
N GLU A 235 -1.48 -0.32 -15.75
CA GLU A 235 -0.25 0.32 -15.31
C GLU A 235 -0.26 0.49 -13.79
N THR A 236 0.48 1.47 -13.27
CA THR A 236 0.55 1.65 -11.81
C THR A 236 -0.69 2.37 -11.32
N TYR A 237 -0.80 2.48 -9.99
CA TYR A 237 -1.96 3.06 -9.33
C TYR A 237 -2.26 4.53 -9.64
N THR A 238 -1.29 5.24 -10.22
CA THR A 238 -1.50 6.62 -10.68
C THR A 238 -2.27 6.71 -12.00
N GLY A 239 -2.44 5.58 -12.68
CA GLY A 239 -2.98 5.56 -14.03
C GLY A 239 -1.93 5.84 -15.10
N ASP A 240 -0.66 5.85 -14.68
CA ASP A 240 0.46 6.09 -15.58
C ASP A 240 1.57 5.08 -15.32
N GLY A 241 2.65 5.15 -16.10
CA GLY A 241 3.77 4.25 -15.96
C GLY A 241 3.69 3.06 -16.89
N ALA A 242 4.61 2.12 -16.70
CA ALA A 242 4.73 0.96 -17.55
C ALA A 242 3.56 0.00 -17.34
N ASN A 243 3.15 -0.63 -18.42
CA ASN A 243 2.11 -1.65 -18.39
C ASN A 243 2.64 -2.99 -17.91
N ASP A 244 1.80 -3.69 -17.16
CA ASP A 244 2.06 -5.09 -16.87
C ASP A 244 0.91 -5.90 -17.43
N PHE A 245 1.00 -6.25 -18.70
CA PHE A 245 -0.08 -6.96 -19.36
C PHE A 245 -0.15 -8.42 -18.90
N GLN A 246 0.96 -8.98 -18.44
CA GLN A 246 0.94 -10.34 -17.93
C GLN A 246 0.05 -10.42 -16.69
N MET A 247 0.22 -9.50 -15.76
CA MET A 247 -0.60 -9.47 -14.56
C MET A 247 -2.04 -9.12 -14.93
N ALA A 248 -2.19 -8.15 -15.81
CA ALA A 248 -3.52 -7.71 -16.25
C ALA A 248 -4.30 -8.87 -16.86
N ASP A 249 -3.62 -9.70 -17.64
CA ASP A 249 -4.27 -10.86 -18.27
C ASP A 249 -4.76 -11.87 -17.22
N ARG A 250 -4.07 -11.98 -16.09
CA ARG A 250 -4.54 -12.83 -15.00
C ARG A 250 -5.86 -12.32 -14.45
N TYR A 251 -5.97 -11.01 -14.27
CA TYR A 251 -7.24 -10.40 -13.86
C TYR A 251 -8.33 -10.64 -14.92
N ILE A 252 -7.98 -10.45 -16.19
CA ILE A 252 -8.95 -10.64 -17.27
C ILE A 252 -9.47 -12.06 -17.30
N ASP A 253 -8.58 -13.02 -17.12
CA ASP A 253 -8.99 -14.42 -17.15
C ASP A 253 -9.86 -14.76 -15.95
N LEU A 254 -9.55 -14.20 -14.78
N LEU A 254 -9.54 -14.21 -14.78
CA LEU A 254 -10.36 -14.43 -13.59
CA LEU A 254 -10.33 -14.40 -13.56
C LEU A 254 -11.74 -13.83 -13.79
C LEU A 254 -11.73 -13.82 -13.74
N MET A 255 -11.79 -12.60 -14.29
CA MET A 255 -13.06 -11.93 -14.49
C MET A 255 -13.93 -12.67 -15.51
N ALA A 256 -13.32 -13.21 -16.57
CA ALA A 256 -14.06 -13.99 -17.56
C ALA A 256 -14.64 -15.27 -16.95
N GLU A 257 -13.83 -15.97 -16.15
CA GLU A 257 -14.24 -17.20 -15.46
C GLU A 257 -15.43 -16.95 -14.54
N ARG A 258 -15.42 -15.82 -13.84
CA ARG A 258 -16.42 -15.51 -12.83
C ARG A 258 -17.51 -14.58 -13.35
N LYS A 259 -17.42 -14.24 -14.64
CA LYS A 259 -18.33 -13.31 -15.31
C LYS A 259 -18.47 -11.99 -14.56
N ILE A 260 -17.33 -11.48 -14.11
CA ILE A 260 -17.24 -10.18 -13.46
C ILE A 260 -17.08 -9.09 -14.53
N GLY A 261 -18.04 -8.19 -14.61
CA GLY A 261 -17.98 -7.12 -15.60
C GLY A 261 -16.91 -6.11 -15.25
N TRP A 262 -16.48 -5.37 -16.26
CA TRP A 262 -15.47 -4.34 -16.08
C TRP A 262 -15.55 -3.20 -17.07
N THR A 263 -15.07 -2.04 -16.63
CA THR A 263 -14.88 -0.86 -17.47
C THR A 263 -13.48 -0.32 -17.22
N LYS A 264 -12.64 -0.31 -18.26
N LYS A 264 -12.63 -0.33 -18.25
CA LYS A 264 -11.26 0.11 -18.11
CA LYS A 264 -11.24 0.10 -18.08
C LYS A 264 -11.13 1.63 -18.07
C LYS A 264 -11.12 1.62 -18.08
N TRP A 265 -10.23 2.10 -17.23
CA TRP A 265 -9.85 3.51 -17.15
C TRP A 265 -8.73 3.72 -18.17
N ASN A 266 -8.89 4.55 -19.20
CA ASN A 266 -10.08 5.34 -19.50
C ASN A 266 -10.12 5.68 -21.00
N TYR A 267 -11.29 6.13 -21.47
CA TYR A 267 -11.56 6.48 -22.87
C TYR A 267 -11.35 7.99 -23.08
N SER A 268 -10.09 8.38 -23.15
CA SER A 268 -9.70 9.78 -23.34
C SER A 268 -8.32 9.82 -23.99
N ASP A 269 -7.89 11.02 -24.32
CA ASP A 269 -6.54 11.25 -24.84
C ASP A 269 -5.66 12.01 -23.85
N ASP A 270 -5.89 11.76 -22.56
CA ASP A 270 -5.00 12.24 -21.52
C ASP A 270 -3.58 11.74 -21.77
N PHE A 271 -2.58 12.46 -21.26
CA PHE A 271 -1.19 12.08 -21.51
C PHE A 271 -0.77 10.75 -20.87
N ARG A 272 -1.45 10.35 -19.82
CA ARG A 272 -1.07 9.16 -19.08
C ARG A 272 -1.27 7.89 -19.89
N SER A 273 -0.49 6.87 -19.58
CA SER A 273 -0.46 5.65 -20.39
C SER A 273 -1.79 4.90 -20.37
N GLY A 274 -2.58 5.06 -19.31
CA GLY A 274 -3.86 4.40 -19.18
C GLY A 274 -4.97 4.95 -20.06
N ALA A 275 -4.84 6.20 -20.47
CA ALA A 275 -5.79 6.79 -21.39
C ALA A 275 -5.52 6.18 -22.75
N VAL A 276 -6.55 5.61 -23.36
CA VAL A 276 -6.34 4.78 -24.52
C VAL A 276 -5.87 5.50 -25.78
N PHE A 277 -6.13 6.80 -25.91
CA PHE A 277 -5.76 7.57 -27.10
C PHE A 277 -4.56 8.46 -26.87
N GLN A 278 -3.82 8.71 -27.94
CA GLN A 278 -2.66 9.58 -27.87
C GLN A 278 -3.15 11.02 -27.78
N PRO A 279 -2.50 11.85 -26.96
CA PRO A 279 -2.87 13.26 -26.90
C PRO A 279 -3.06 13.90 -28.28
N GLY A 280 -4.15 14.64 -28.44
CA GLY A 280 -4.50 15.27 -29.70
C GLY A 280 -5.52 14.50 -30.52
N THR A 281 -5.75 13.24 -30.18
CA THR A 281 -6.67 12.42 -30.94
C THR A 281 -8.07 13.00 -30.90
N CYS A 282 -8.49 13.43 -29.71
CA CYS A 282 -9.85 13.92 -29.56
C CYS A 282 -10.06 15.22 -30.33
N ALA A 283 -9.09 16.12 -30.29
CA ALA A 283 -9.18 17.35 -31.05
C ALA A 283 -9.21 17.08 -32.55
N SER A 284 -8.52 16.03 -32.97
CA SER A 284 -8.44 15.65 -34.38
C SER A 284 -9.64 14.87 -34.86
N GLY A 285 -10.54 14.50 -33.95
CA GLY A 285 -11.73 13.74 -34.31
C GLY A 285 -11.44 12.31 -34.65
N GLY A 286 -10.35 11.77 -34.09
CA GLY A 286 -9.98 10.39 -34.35
C GLY A 286 -8.67 10.29 -35.13
N PRO A 287 -8.39 9.14 -35.72
CA PRO A 287 -9.24 7.94 -35.64
C PRO A 287 -9.22 7.33 -34.24
N TRP A 288 -10.17 6.45 -33.97
CA TRP A 288 -10.35 5.85 -32.65
C TRP A 288 -9.82 4.44 -32.61
N SER A 289 -8.83 4.19 -33.46
CA SER A 289 -8.17 2.90 -33.55
C SER A 289 -6.79 3.10 -34.17
N GLY A 290 -6.06 2.01 -34.33
CA GLY A 290 -4.81 2.03 -35.07
C GLY A 290 -3.73 2.88 -34.40
N SER A 291 -3.14 3.78 -35.18
CA SER A 291 -2.00 4.58 -34.72
C SER A 291 -2.33 5.60 -33.62
N SER A 292 -3.61 5.83 -33.36
N SER A 292 -3.62 5.82 -33.37
CA SER A 292 -4.02 6.74 -32.29
CA SER A 292 -4.08 6.72 -32.31
C SER A 292 -4.07 6.05 -30.93
C SER A 292 -4.05 6.05 -30.93
N LEU A 293 -3.90 4.73 -30.88
CA LEU A 293 -3.98 4.00 -29.61
C LEU A 293 -2.66 3.85 -28.91
N LYS A 294 -2.66 4.14 -27.61
CA LYS A 294 -1.56 3.77 -26.74
C LYS A 294 -1.55 2.24 -26.63
N ALA A 295 -0.48 1.69 -26.08
CA ALA A 295 -0.36 0.24 -25.91
C ALA A 295 -1.54 -0.35 -25.13
N SER A 296 -1.93 0.31 -24.04
CA SER A 296 -3.05 -0.13 -23.21
C SER A 296 -4.36 -0.09 -24.01
N GLY A 297 -4.46 0.89 -24.91
CA GLY A 297 -5.60 1.03 -25.80
C GLY A 297 -5.74 -0.12 -26.78
N GLN A 298 -4.65 -0.51 -27.41
CA GLN A 298 -4.69 -1.64 -28.34
C GLN A 298 -5.03 -2.92 -27.58
N TRP A 299 -4.49 -3.05 -26.38
CA TRP A 299 -4.69 -4.23 -25.54
C TRP A 299 -6.16 -4.38 -25.19
N VAL A 300 -6.79 -3.30 -24.72
CA VAL A 300 -8.19 -3.41 -24.30
C VAL A 300 -9.15 -3.56 -25.49
N ARG A 301 -8.85 -2.87 -26.58
N ARG A 301 -8.85 -2.87 -26.58
CA ARG A 301 -9.67 -2.96 -27.79
CA ARG A 301 -9.68 -2.96 -27.78
C ARG A 301 -9.69 -4.40 -28.28
C ARG A 301 -9.69 -4.40 -28.28
N SER A 302 -8.52 -5.05 -28.22
CA SER A 302 -8.41 -6.44 -28.64
C SER A 302 -9.20 -7.37 -27.72
N LYS A 303 -9.20 -7.09 -26.42
CA LYS A 303 -10.00 -7.89 -25.49
C LYS A 303 -11.48 -7.74 -25.81
N LEU A 304 -11.91 -6.51 -26.06
CA LEU A 304 -13.34 -6.22 -26.24
C LEU A 304 -13.87 -6.80 -27.54
N GLN A 305 -13.01 -6.93 -28.53
CA GLN A 305 -13.41 -7.42 -29.85
C GLN A 305 -13.48 -8.94 -29.86
N SER A 306 -12.83 -9.58 -28.89
CA SER A 306 -12.83 -11.04 -28.72
C SER A 306 -12.43 -11.77 -30.01
N THR B 1 13.73 -1.79 -10.87
CA THR B 1 13.29 -3.21 -10.95
C THR B 1 14.09 -4.06 -9.96
N GLY B 2 13.58 -5.24 -9.63
CA GLY B 2 14.30 -6.18 -8.79
C GLY B 2 14.08 -6.00 -7.31
N THR B 3 14.91 -6.68 -6.52
CA THR B 3 14.81 -6.60 -5.07
C THR B 3 15.35 -5.26 -4.57
N PRO B 4 15.07 -4.92 -3.32
CA PRO B 4 15.67 -3.71 -2.76
C PRO B 4 17.19 -3.68 -2.87
N VAL B 5 17.86 -4.78 -2.56
CA VAL B 5 19.32 -4.83 -2.65
C VAL B 5 19.80 -4.61 -4.09
N GLU B 6 19.06 -5.16 -5.05
CA GLU B 6 19.42 -4.95 -6.46
C GLU B 6 19.20 -3.52 -6.93
N ARG B 7 18.19 -2.86 -6.38
N ARG B 7 18.16 -2.88 -6.39
CA ARG B 7 17.81 -1.54 -6.84
CA ARG B 7 17.78 -1.53 -6.78
C ARG B 7 18.64 -0.41 -6.21
C ARG B 7 18.73 -0.47 -6.24
N TYR B 8 19.15 -0.63 -4.99
CA TYR B 8 19.96 0.40 -4.30
C TYR B 8 21.44 0.05 -4.21
N GLY B 9 21.77 -1.24 -4.27
CA GLY B 9 23.14 -1.69 -4.24
C GLY B 9 23.86 -1.40 -2.93
N LYS B 10 25.12 -0.99 -3.07
CA LYS B 10 26.00 -0.75 -1.93
C LYS B 10 25.69 0.59 -1.26
N VAL B 11 24.76 0.56 -0.30
CA VAL B 11 24.35 1.79 0.36
C VAL B 11 25.51 2.37 1.19
N GLN B 12 25.59 3.68 1.24
CA GLN B 12 26.65 4.40 1.94
C GLN B 12 26.07 5.71 2.44
N VAL B 13 26.62 6.24 3.52
CA VAL B 13 26.27 7.58 3.95
C VAL B 13 26.75 8.61 2.91
N CYS B 14 25.89 9.60 2.69
N CYS B 14 25.90 9.57 2.60
CA CYS B 14 26.15 10.75 1.84
CA CYS B 14 26.35 10.76 1.87
C CYS B 14 25.64 11.97 2.61
C CYS B 14 25.70 11.98 2.51
N GLY B 15 26.54 12.83 3.09
CA GLY B 15 26.09 13.95 3.89
C GLY B 15 25.42 13.48 5.17
N THR B 16 24.15 13.84 5.36
CA THR B 16 23.38 13.44 6.55
C THR B 16 22.34 12.37 6.26
N GLN B 17 22.50 11.65 5.16
CA GLN B 17 21.50 10.67 4.75
C GLN B 17 22.16 9.34 4.39
N LEU B 18 21.36 8.30 4.25
CA LEU B 18 21.82 7.05 3.67
C LEU B 18 21.45 7.14 2.20
N CYS B 19 22.41 6.84 1.33
N CYS B 19 22.38 6.72 1.35
CA CYS B 19 22.23 6.91 -0.12
CA CYS B 19 22.22 6.85 -0.09
C CYS B 19 22.37 5.53 -0.73
C CYS B 19 22.51 5.54 -0.79
N ASP B 20 21.88 5.36 -1.96
CA ASP B 20 22.14 4.18 -2.76
C ASP B 20 23.55 4.34 -3.38
N GLU B 21 23.95 3.39 -4.22
CA GLU B 21 25.32 3.37 -4.75
C GLU B 21 25.56 4.38 -5.87
N HIS B 22 24.54 5.17 -6.21
CA HIS B 22 24.66 6.23 -7.21
C HIS B 22 24.36 7.61 -6.63
N GLY B 23 24.45 7.73 -5.31
CA GLY B 23 24.31 9.00 -4.62
C GLY B 23 22.91 9.54 -4.38
N ASN B 24 21.89 8.72 -4.60
CA ASN B 24 20.51 9.13 -4.35
C ASN B 24 20.12 8.75 -2.93
N PRO B 25 19.68 9.69 -2.11
CA PRO B 25 19.18 9.33 -0.78
C PRO B 25 18.08 8.26 -0.88
N VAL B 26 18.14 7.28 0.01
CA VAL B 26 17.18 6.19 0.04
C VAL B 26 16.65 5.97 1.45
N GLN B 27 15.37 5.65 1.54
CA GLN B 27 14.73 5.31 2.81
C GLN B 27 14.45 3.81 2.82
N LEU B 28 15.16 3.09 3.68
CA LEU B 28 14.96 1.64 3.83
C LEU B 28 14.01 1.41 4.98
N ARG B 29 12.89 0.75 4.69
CA ARG B 29 11.85 0.49 5.68
C ARG B 29 11.61 -1.00 5.81
N GLY B 30 11.40 -1.46 7.03
CA GLY B 30 11.18 -2.87 7.25
C GLY B 30 10.85 -3.21 8.68
N MET B 31 11.29 -4.39 9.10
CA MET B 31 10.93 -4.95 10.39
C MET B 31 12.13 -5.38 11.19
N SER B 32 12.03 -5.26 12.49
CA SER B 32 12.97 -5.91 13.41
C SER B 32 12.40 -7.23 13.87
N THR B 33 13.24 -8.25 13.96
CA THR B 33 12.87 -9.45 14.70
C THR B 33 12.77 -9.07 16.17
N HIS B 34 12.11 -9.92 16.93
CA HIS B 34 12.26 -9.89 18.37
C HIS B 34 13.54 -10.68 18.66
N GLY B 35 13.86 -10.89 19.94
CA GLY B 35 15.07 -11.59 20.30
C GLY B 35 15.07 -13.00 19.77
N ILE B 36 16.15 -13.41 19.09
CA ILE B 36 16.19 -14.72 18.48
C ILE B 36 16.32 -15.85 19.50
N GLN B 37 16.64 -15.52 20.75
CA GLN B 37 16.63 -16.51 21.83
C GLN B 37 15.22 -16.89 22.27
N TRP B 38 14.23 -16.05 21.95
CA TRP B 38 12.83 -16.31 22.29
C TRP B 38 11.92 -16.58 21.10
N PHE B 39 12.22 -15.97 19.95
CA PHE B 39 11.31 -16.01 18.81
C PHE B 39 11.99 -16.48 17.53
N ASP B 40 12.96 -17.36 17.68
CA ASP B 40 13.62 -17.98 16.55
C ASP B 40 12.64 -18.74 15.66
N HIS B 41 11.64 -19.37 16.28
CA HIS B 41 10.62 -20.15 15.57
C HIS B 41 9.72 -19.30 14.67
N CYS B 42 9.77 -17.98 14.84
N CYS B 42 9.78 -17.98 14.85
CA CYS B 42 9.05 -17.04 13.96
CA CYS B 42 9.07 -17.02 14.00
C CYS B 42 9.82 -16.70 12.70
C CYS B 42 9.83 -16.70 12.72
N LEU B 43 11.06 -17.18 12.60
CA LEU B 43 11.94 -16.84 11.49
C LEU B 43 12.18 -18.10 10.67
N THR B 44 11.37 -18.26 9.64
CA THR B 44 11.42 -19.44 8.79
C THR B 44 11.46 -19.03 7.34
N ASP B 45 11.68 -20.00 6.45
N ASP B 45 11.67 -20.01 6.48
CA ASP B 45 11.57 -19.73 5.02
CA ASP B 45 11.57 -19.83 5.03
C ASP B 45 10.24 -19.03 4.72
C ASP B 45 10.27 -19.11 4.69
N SER B 46 9.16 -19.60 5.23
CA SER B 46 7.83 -19.06 4.95
C SER B 46 7.67 -17.62 5.46
N SER B 47 8.08 -17.36 6.71
CA SER B 47 7.85 -16.03 7.29
C SER B 47 8.74 -14.97 6.66
N LEU B 48 9.97 -15.34 6.30
CA LEU B 48 10.91 -14.38 5.71
C LEU B 48 10.56 -14.13 4.24
N ASP B 49 10.08 -15.17 3.54
CA ASP B 49 9.53 -14.97 2.21
C ASP B 49 8.37 -13.99 2.25
N ALA B 50 7.48 -14.13 3.22
CA ALA B 50 6.35 -13.22 3.35
C ALA B 50 6.84 -11.79 3.59
N LEU B 51 7.81 -11.62 4.46
CA LEU B 51 8.33 -10.29 4.75
C LEU B 51 8.91 -9.62 3.52
N ALA B 52 9.65 -10.38 2.71
CA ALA B 52 10.32 -9.83 1.52
C ALA B 52 9.35 -9.63 0.37
N TYR B 53 8.60 -10.67 0.06
CA TYR B 53 7.83 -10.70 -1.19
C TYR B 53 6.41 -10.16 -1.06
N ASP B 54 5.76 -10.37 0.08
CA ASP B 54 4.40 -9.90 0.31
C ASP B 54 4.38 -8.55 1.04
N TRP B 55 5.13 -8.42 2.11
CA TRP B 55 5.17 -7.16 2.87
C TRP B 55 5.97 -6.08 2.14
N LYS B 56 6.88 -6.49 1.25
CA LYS B 56 7.76 -5.58 0.51
C LYS B 56 8.69 -4.78 1.43
N ALA B 57 9.15 -5.41 2.50
CA ALA B 57 10.18 -4.81 3.33
C ALA B 57 11.48 -4.64 2.55
N ASP B 58 12.20 -3.55 2.80
CA ASP B 58 13.54 -3.35 2.23
C ASP B 58 14.63 -3.95 3.09
N ILE B 59 14.33 -4.11 4.38
CA ILE B 59 15.36 -4.37 5.37
C ILE B 59 14.80 -5.16 6.53
N ILE B 60 15.63 -6.04 7.10
CA ILE B 60 15.30 -6.75 8.33
C ILE B 60 16.41 -6.51 9.34
N ARG B 61 16.01 -6.24 10.57
CA ARG B 61 16.95 -6.12 11.67
C ARG B 61 16.93 -7.41 12.47
N LEU B 62 18.09 -8.03 12.61
CA LEU B 62 18.22 -9.28 13.33
C LEU B 62 18.67 -9.00 14.75
N SER B 63 17.73 -9.10 15.69
CA SER B 63 17.96 -8.68 17.07
C SER B 63 18.46 -9.83 17.93
N MET B 64 19.72 -9.75 18.34
CA MET B 64 20.33 -10.78 19.14
C MET B 64 20.63 -10.21 20.51
N TYR B 65 19.80 -10.54 21.50
CA TYR B 65 20.11 -10.21 22.88
C TYR B 65 21.38 -10.91 23.29
N ILE B 66 22.10 -10.28 24.21
CA ILE B 66 23.35 -10.84 24.73
C ILE B 66 23.08 -11.50 26.08
N GLN B 67 22.51 -10.73 26.99
CA GLN B 67 21.94 -11.26 28.22
C GLN B 67 20.52 -11.78 27.95
N GLU B 68 19.71 -11.99 28.99
CA GLU B 68 18.32 -12.44 28.82
C GLU B 68 18.22 -13.73 27.99
N ASP B 69 19.11 -14.67 28.29
CA ASP B 69 19.19 -15.99 27.66
C ASP B 69 19.65 -15.96 26.20
N GLY B 70 20.31 -14.88 25.83
CA GLY B 70 20.81 -14.70 24.48
C GLY B 70 22.23 -15.19 24.30
N TYR B 71 22.99 -14.42 23.52
CA TYR B 71 24.32 -14.79 23.04
C TYR B 71 25.24 -15.38 24.10
N GLU B 72 25.24 -14.82 25.30
CA GLU B 72 26.18 -15.25 26.34
C GLU B 72 26.01 -16.71 26.72
N THR B 73 24.80 -17.24 26.55
CA THR B 73 24.51 -18.64 26.90
C THR B 73 25.09 -19.64 25.90
N ASN B 74 25.40 -19.19 24.68
CA ASN B 74 25.94 -20.08 23.66
C ASN B 74 26.49 -19.28 22.48
N PRO B 75 27.63 -18.62 22.65
CA PRO B 75 28.17 -17.77 21.58
C PRO B 75 28.27 -18.42 20.21
N ARG B 76 28.78 -19.65 20.14
CA ARG B 76 28.92 -20.35 18.87
C ARG B 76 27.56 -20.58 18.19
N GLY B 77 26.59 -21.07 18.97
CA GLY B 77 25.29 -21.38 18.42
C GLY B 77 24.57 -20.15 17.92
N PHE B 78 24.58 -19.09 18.71
CA PHE B 78 23.96 -17.83 18.31
C PHE B 78 24.67 -17.21 17.11
N THR B 79 25.99 -17.26 17.08
CA THR B 79 26.73 -16.70 15.95
C THR B 79 26.40 -17.46 14.67
N ASP B 80 26.35 -18.80 14.74
CA ASP B 80 26.04 -19.60 13.57
C ASP B 80 24.63 -19.33 13.06
N ARG B 81 23.68 -19.12 13.97
CA ARG B 81 22.32 -18.79 13.54
C ARG B 81 22.28 -17.41 12.88
N MET B 82 23.06 -16.47 13.41
N MET B 82 23.06 -16.47 13.41
CA MET B 82 23.15 -15.15 12.81
CA MET B 82 23.12 -15.14 12.81
C MET B 82 23.70 -15.23 11.39
C MET B 82 23.71 -15.22 11.39
N HIS B 83 24.74 -16.03 11.17
CA HIS B 83 25.29 -16.23 9.82
C HIS B 83 24.19 -16.75 8.90
N GLN B 84 23.44 -17.73 9.38
CA GLN B 84 22.37 -18.33 8.61
C GLN B 84 21.30 -17.30 8.27
N LEU B 85 20.92 -16.48 9.23
CA LEU B 85 19.88 -15.48 9.00
C LEU B 85 20.35 -14.39 8.05
N ILE B 86 21.62 -14.01 8.15
CA ILE B 86 22.17 -13.01 7.23
C ILE B 86 22.10 -13.54 5.80
N ASP B 87 22.49 -14.80 5.62
CA ASP B 87 22.45 -15.44 4.30
C ASP B 87 21.00 -15.56 3.81
N MET B 88 20.09 -15.91 4.70
CA MET B 88 18.68 -16.05 4.34
C MET B 88 18.09 -14.72 3.90
N ALA B 89 18.43 -13.65 4.61
CA ALA B 89 17.91 -12.35 4.26
C ALA B 89 18.45 -11.90 2.91
N THR B 90 19.73 -12.16 2.67
CA THR B 90 20.38 -11.79 1.42
C THR B 90 19.78 -12.55 0.24
N ALA B 91 19.43 -13.83 0.47
CA ALA B 91 18.80 -14.66 -0.55
C ALA B 91 17.33 -14.30 -0.78
N ARG B 92 16.84 -13.31 -0.05
CA ARG B 92 15.49 -12.76 -0.28
C ARG B 92 15.54 -11.29 -0.69
N GLY B 93 16.73 -10.78 -0.96
CA GLY B 93 16.90 -9.43 -1.47
C GLY B 93 16.78 -8.32 -0.46
N LEU B 94 16.95 -8.65 0.81
CA LEU B 94 16.81 -7.70 1.90
C LEU B 94 18.15 -7.17 2.39
N TYR B 95 18.17 -5.89 2.74
CA TYR B 95 19.20 -5.36 3.60
C TYR B 95 19.04 -5.96 5.00
N VAL B 96 20.16 -6.03 5.70
CA VAL B 96 20.20 -6.68 7.01
C VAL B 96 20.92 -5.79 7.99
N ILE B 97 20.31 -5.54 9.15
CA ILE B 97 20.97 -4.89 10.26
C ILE B 97 21.28 -5.99 11.27
N VAL B 98 22.56 -6.10 11.62
CA VAL B 98 23.00 -7.05 12.63
C VAL B 98 22.98 -6.28 13.94
N ASP B 99 22.01 -6.60 14.78
CA ASP B 99 21.73 -5.83 16.00
C ASP B 99 22.28 -6.52 17.24
N TRP B 100 23.35 -5.94 17.79
CA TRP B 100 23.96 -6.32 19.06
C TRP B 100 23.07 -5.73 20.14
N HIS B 101 22.11 -6.54 20.60
N HIS B 101 22.12 -6.55 20.60
CA HIS B 101 20.95 -6.02 21.31
CA HIS B 101 20.95 -6.05 21.30
C HIS B 101 21.17 -5.95 22.82
C HIS B 101 21.15 -5.94 22.81
N ILE B 102 22.06 -5.05 23.20
CA ILE B 102 22.29 -4.75 24.61
C ILE B 102 21.09 -3.95 25.14
N LEU B 103 20.79 -4.16 26.41
CA LEU B 103 19.69 -3.48 27.08
C LEU B 103 19.95 -3.40 28.58
N THR B 104 20.11 -4.56 29.20
CA THR B 104 20.40 -4.67 30.63
C THR B 104 21.45 -5.76 30.82
N PRO B 105 22.66 -5.45 31.27
CA PRO B 105 23.15 -4.10 31.61
C PRO B 105 23.16 -3.12 30.44
N GLY B 106 22.98 -1.85 30.76
CA GLY B 106 22.86 -0.77 29.78
C GLY B 106 24.15 -0.15 29.30
N ASP B 107 25.25 -0.37 30.02
CA ASP B 107 26.56 0.12 29.58
C ASP B 107 27.08 -0.81 28.48
N PRO B 108 27.23 -0.33 27.25
CA PRO B 108 27.70 -1.22 26.18
C PRO B 108 29.07 -1.85 26.48
N HIS B 109 29.89 -1.19 27.30
CA HIS B 109 31.19 -1.77 27.62
C HIS B 109 31.11 -3.11 28.36
N TYR B 110 30.00 -3.36 29.05
CA TYR B 110 29.76 -4.66 29.70
C TYR B 110 29.92 -5.84 28.70
N ASN B 111 29.57 -5.59 27.44
CA ASN B 111 29.60 -6.62 26.41
C ASN B 111 30.64 -6.36 25.32
N LEU B 112 31.60 -5.47 25.59
CA LEU B 112 32.60 -5.08 24.59
C LEU B 112 33.47 -6.24 24.12
N ASP B 113 34.00 -7.02 25.04
CA ASP B 113 34.88 -8.12 24.67
C ASP B 113 34.16 -9.13 23.78
N ARG B 114 32.93 -9.47 24.15
CA ARG B 114 32.05 -10.32 23.34
C ARG B 114 31.78 -9.69 21.97
N ALA B 115 31.51 -8.39 21.97
CA ALA B 115 31.15 -7.68 20.75
C ALA B 115 32.29 -7.72 19.75
N LYS B 116 33.52 -7.55 20.22
CA LYS B 116 34.67 -7.59 19.33
C LYS B 116 34.81 -8.97 18.69
N THR B 117 34.60 -10.02 19.48
CA THR B 117 34.67 -11.38 18.97
C THR B 117 33.60 -11.63 17.92
N PHE B 118 32.37 -11.25 18.25
CA PHE B 118 31.24 -11.48 17.36
C PHE B 118 31.36 -10.66 16.08
N PHE B 119 31.59 -9.36 16.21
CA PHE B 119 31.68 -8.52 15.02
C PHE B 119 32.89 -8.83 14.17
N ALA B 120 33.99 -9.29 14.75
CA ALA B 120 35.12 -9.72 13.94
C ALA B 120 34.71 -10.88 13.04
N GLU B 121 33.98 -11.84 13.61
CA GLU B 121 33.58 -13.01 12.85
C GLU B 121 32.54 -12.64 11.79
N ILE B 122 31.57 -11.81 12.14
CA ILE B 122 30.53 -11.40 11.22
C ILE B 122 31.14 -10.60 10.05
N ALA B 123 31.94 -9.60 10.37
CA ALA B 123 32.53 -8.73 9.37
C ALA B 123 33.47 -9.49 8.42
N GLN B 124 34.23 -10.46 8.92
N GLN B 124 34.20 -10.47 8.95
CA GLN B 124 35.10 -11.23 8.03
CA GLN B 124 35.09 -11.31 8.15
C GLN B 124 34.30 -12.17 7.12
C GLN B 124 34.31 -12.14 7.15
N ARG B 125 33.28 -12.82 7.67
N ARG B 125 33.33 -12.90 7.64
CA ARG B 125 32.48 -13.79 6.93
CA ARG B 125 32.54 -13.78 6.80
C ARG B 125 31.67 -13.11 5.83
C ARG B 125 31.83 -12.99 5.72
N HIS B 126 31.19 -11.90 6.12
CA HIS B 126 30.27 -11.20 5.23
C HIS B 126 30.85 -9.94 4.57
N ALA B 127 32.17 -9.80 4.58
CA ALA B 127 32.84 -8.64 4.00
C ALA B 127 32.47 -8.38 2.54
N SER B 128 32.30 -9.44 1.76
N SER B 128 32.28 -9.44 1.75
CA SER B 128 31.96 -9.31 0.33
CA SER B 128 31.99 -9.27 0.32
C SER B 128 30.55 -8.78 0.08
C SER B 128 30.53 -8.83 0.05
N LYS B 129 29.66 -8.97 1.05
CA LYS B 129 28.28 -8.48 0.92
C LYS B 129 28.27 -6.96 0.98
N THR B 130 27.28 -6.34 0.34
CA THR B 130 27.12 -4.89 0.38
C THR B 130 25.79 -4.47 1.02
N ASN B 131 25.06 -5.43 1.58
CA ASN B 131 23.71 -5.21 2.10
C ASN B 131 23.62 -5.36 3.61
N VAL B 132 24.75 -5.49 4.28
CA VAL B 132 24.78 -5.68 5.72
C VAL B 132 25.22 -4.39 6.45
N LEU B 133 24.40 -3.95 7.40
CA LEU B 133 24.73 -2.84 8.29
C LEU B 133 24.91 -3.40 9.70
N TYR B 134 25.79 -2.78 10.48
CA TYR B 134 26.14 -3.28 11.80
C TYR B 134 25.68 -2.31 12.88
N GLU B 135 24.80 -2.76 13.76
CA GLU B 135 24.31 -1.95 14.86
C GLU B 135 25.00 -2.43 16.13
N ILE B 136 25.92 -1.62 16.65
CA ILE B 136 26.89 -2.10 17.65
C ILE B 136 26.46 -2.00 19.11
N ALA B 137 25.37 -1.29 19.38
CA ALA B 137 24.84 -1.18 20.74
C ALA B 137 23.41 -0.68 20.73
N ASN B 138 22.47 -1.60 20.72
CA ASN B 138 21.04 -1.30 20.59
C ASN B 138 20.55 -0.11 21.41
N GLU B 139 20.55 -0.26 22.74
N GLU B 139 20.57 -0.26 22.73
CA GLU B 139 19.97 0.76 23.63
CA GLU B 139 19.97 0.73 23.64
C GLU B 139 20.85 1.03 24.85
C GLU B 139 20.88 0.99 24.84
N PRO B 140 21.90 1.84 24.66
CA PRO B 140 22.72 2.25 25.79
C PRO B 140 21.85 2.99 26.81
N ASN B 141 22.09 2.72 28.08
CA ASN B 141 21.37 3.42 29.11
C ASN B 141 22.18 3.47 30.38
N GLY B 142 22.02 4.57 31.11
CA GLY B 142 22.77 4.78 32.34
C GLY B 142 24.18 5.29 32.12
N VAL B 143 24.48 5.69 30.88
CA VAL B 143 25.84 6.11 30.51
C VAL B 143 25.82 7.44 29.76
N SER B 144 26.92 8.16 29.87
CA SER B 144 27.08 9.42 29.17
C SER B 144 27.31 9.19 27.68
N TRP B 145 27.05 10.24 26.89
CA TRP B 145 27.38 10.20 25.46
C TRP B 145 28.88 9.96 25.23
N ALA B 146 29.73 10.61 26.00
CA ALA B 146 31.17 10.39 25.84
C ALA B 146 31.58 8.93 26.00
N SER B 147 30.92 8.20 26.90
N SER B 147 30.89 8.22 26.90
N SER B 147 30.89 8.23 26.91
CA SER B 147 31.25 6.79 27.08
CA SER B 147 31.18 6.81 27.14
CA SER B 147 31.14 6.81 27.16
C SER B 147 30.71 5.93 25.95
C SER B 147 30.69 5.94 25.98
C SER B 147 30.70 5.97 25.97
N ILE B 148 29.57 6.31 25.36
CA ILE B 148 29.06 5.59 24.19
C ILE B 148 30.00 5.82 23.01
N LYS B 149 30.42 7.07 22.84
CA LYS B 149 31.39 7.41 21.80
C LYS B 149 32.69 6.61 21.95
N SER B 150 33.21 6.50 23.17
N SER B 150 33.19 6.52 23.17
CA SER B 150 34.46 5.78 23.40
CA SER B 150 34.42 5.79 23.45
C SER B 150 34.28 4.28 23.12
C SER B 150 34.26 4.31 23.10
N TYR B 151 33.13 3.73 23.48
CA TYR B 151 32.81 2.34 23.17
C TYR B 151 32.78 2.14 21.65
N ALA B 152 32.10 3.03 20.94
CA ALA B 152 32.01 2.94 19.49
C ALA B 152 33.39 2.96 18.84
N GLU B 153 34.27 3.80 19.37
CA GLU B 153 35.62 3.93 18.82
C GLU B 153 36.50 2.71 19.13
N GLU B 154 36.09 1.88 20.09
CA GLU B 154 36.76 0.59 20.34
C GLU B 154 36.27 -0.50 19.37
N VAL B 155 34.99 -0.49 19.01
CA VAL B 155 34.41 -1.56 18.21
C VAL B 155 34.55 -1.30 16.72
N ILE B 156 34.37 -0.05 16.30
CA ILE B 156 34.38 0.28 14.88
C ILE B 156 35.64 -0.23 14.16
N PRO B 157 36.84 -0.02 14.69
CA PRO B 157 38.05 -0.49 14.01
C PRO B 157 38.11 -2.02 13.82
N VAL B 158 37.52 -2.79 14.74
CA VAL B 158 37.44 -4.24 14.59
C VAL B 158 36.63 -4.62 13.34
N ILE B 159 35.50 -3.94 13.13
CA ILE B 159 34.70 -4.17 11.95
C ILE B 159 35.41 -3.65 10.68
N ARG B 160 35.98 -2.45 10.75
CA ARG B 160 36.47 -1.76 9.57
C ARG B 160 37.76 -2.38 9.05
N GLN B 161 38.48 -3.05 9.95
CA GLN B 161 39.66 -3.83 9.55
C GLN B 161 39.29 -4.93 8.57
N ARG B 162 38.11 -5.51 8.76
CA ARG B 162 37.66 -6.65 7.97
C ARG B 162 36.71 -6.27 6.85
N ASP B 163 35.95 -5.19 7.07
CA ASP B 163 34.87 -4.77 6.20
C ASP B 163 34.88 -3.24 6.18
N PRO B 164 35.81 -2.65 5.44
CA PRO B 164 35.98 -1.18 5.47
C PRO B 164 34.82 -0.33 4.97
N ASP B 165 33.97 -0.90 4.12
N ASP B 165 34.00 -0.83 4.05
CA ASP B 165 32.87 -0.14 3.53
CA ASP B 165 33.01 0.02 3.34
C ASP B 165 31.51 -0.35 4.23
C ASP B 165 31.68 0.16 4.05
N SER B 166 31.50 -1.00 5.39
N SER B 166 31.46 -0.77 4.99
CA SER B 166 30.30 -1.24 6.18
CA SER B 166 30.12 -1.00 5.53
C SER B 166 29.69 0.07 6.72
C SER B 166 29.69 0.03 6.57
N VAL B 167 28.37 0.21 6.64
CA VAL B 167 27.71 1.24 7.44
C VAL B 167 27.52 0.70 8.86
N ILE B 168 27.88 1.51 9.84
CA ILE B 168 27.74 1.18 11.25
C ILE B 168 26.76 2.14 11.91
N ILE B 169 25.81 1.60 12.67
CA ILE B 169 24.81 2.37 13.37
C ILE B 169 25.17 2.33 14.85
N VAL B 170 25.24 3.50 15.47
CA VAL B 170 25.66 3.66 16.86
C VAL B 170 24.47 4.07 17.71
N GLY B 171 24.23 3.34 18.81
CA GLY B 171 23.18 3.67 19.75
C GLY B 171 23.44 4.99 20.43
N THR B 172 22.40 5.57 20.98
CA THR B 172 22.49 6.89 21.59
C THR B 172 22.00 6.86 23.04
N ARG B 173 22.23 7.96 23.72
N ARG B 173 22.25 7.96 23.74
CA ARG B 173 21.95 8.09 25.15
CA ARG B 173 21.94 8.07 25.17
C ARG B 173 20.47 7.87 25.48
C ARG B 173 20.47 7.83 25.46
N GLY B 174 20.20 7.23 26.61
CA GLY B 174 18.85 7.10 27.10
C GLY B 174 17.98 6.18 26.27
N TRP B 175 18.41 4.93 26.16
CA TRP B 175 17.72 3.92 25.36
C TRP B 175 17.58 4.37 23.91
N SER B 176 18.67 4.91 23.38
CA SER B 176 18.73 5.43 22.02
C SER B 176 17.60 6.42 21.75
N SER B 177 17.39 7.35 22.68
CA SER B 177 16.43 8.44 22.50
C SER B 177 17.10 9.75 22.07
N LEU B 178 18.31 9.66 21.53
CA LEU B 178 19.14 10.83 21.23
C LEU B 178 19.35 11.71 22.48
N GLY B 179 19.28 11.09 23.65
CA GLY B 179 19.48 11.79 24.91
C GLY B 179 18.21 12.44 25.46
N VAL B 180 17.11 12.40 24.72
CA VAL B 180 15.90 13.11 25.13
C VAL B 180 15.36 12.60 26.46
N SER B 181 15.41 11.29 26.68
CA SER B 181 14.89 10.71 27.92
C SER B 181 15.73 11.09 29.14
N GLU B 182 16.97 11.53 28.91
CA GLU B 182 17.88 11.91 30.00
C GLU B 182 18.10 13.43 30.11
N GLY B 183 17.21 14.23 29.53
CA GLY B 183 17.26 15.68 29.64
C GLY B 183 18.11 16.40 28.61
N SER B 184 18.63 15.64 27.65
CA SER B 184 19.52 16.16 26.61
C SER B 184 18.87 16.07 25.22
N GLY B 185 19.69 15.92 24.19
CA GLY B 185 19.20 15.93 22.83
C GLY B 185 20.32 15.70 21.84
N PRO B 186 19.99 15.72 20.55
CA PRO B 186 20.97 15.42 19.50
C PRO B 186 22.13 16.42 19.38
N ALA B 187 21.98 17.64 19.92
CA ALA B 187 23.07 18.62 19.89
C ALA B 187 24.33 18.08 20.57
N GLU B 188 24.14 17.24 21.57
CA GLU B 188 25.26 16.62 22.27
C GLU B 188 26.10 15.73 21.36
N ILE B 189 25.45 14.98 20.48
CA ILE B 189 26.15 14.15 19.51
C ILE B 189 26.89 14.99 18.49
N ALA B 190 26.22 16.02 17.98
CA ALA B 190 26.79 16.88 16.93
C ALA B 190 28.05 17.57 17.44
N ALA B 191 28.06 17.90 18.72
CA ALA B 191 29.20 18.58 19.36
C ALA B 191 30.39 17.64 19.60
N ASN B 192 30.13 16.34 19.68
CA ASN B 192 31.17 15.35 19.98
C ASN B 192 30.90 14.04 19.23
N PRO B 193 30.95 14.10 17.90
CA PRO B 193 30.55 12.93 17.10
C PRO B 193 31.56 11.79 17.13
N VAL B 194 31.09 10.60 16.83
CA VAL B 194 31.98 9.48 16.62
C VAL B 194 32.93 9.83 15.47
N ASN B 195 34.24 9.66 15.69
CA ASN B 195 35.28 9.99 14.71
C ASN B 195 35.49 8.85 13.72
N ALA B 196 34.50 8.71 12.85
CA ALA B 196 34.53 7.73 11.79
C ALA B 196 33.49 8.16 10.79
N SER B 197 33.69 7.70 9.55
N SER B 197 33.66 7.76 9.54
CA SER B 197 32.82 7.95 8.41
CA SER B 197 32.67 8.10 8.53
C SER B 197 31.81 6.82 8.28
C SER B 197 31.86 6.85 8.21
N ASN B 198 30.80 7.01 7.43
CA ASN B 198 29.82 5.95 7.20
C ASN B 198 29.15 5.48 8.49
N ILE B 199 28.87 6.42 9.38
CA ILE B 199 28.24 6.19 10.67
C ILE B 199 26.85 6.79 10.64
N MET B 200 25.88 6.04 11.15
CA MET B 200 24.55 6.57 11.48
C MET B 200 24.30 6.42 12.97
N TYR B 201 23.36 7.19 13.49
CA TYR B 201 23.00 7.18 14.90
C TYR B 201 21.56 6.69 15.06
N ALA B 202 21.33 5.86 16.06
CA ALA B 202 20.03 5.24 16.28
C ALA B 202 19.11 6.11 17.09
N PHE B 203 17.83 6.07 16.71
CA PHE B 203 16.76 6.69 17.49
C PHE B 203 15.64 5.68 17.61
N HIS B 204 15.10 5.54 18.81
CA HIS B 204 13.97 4.67 19.09
C HIS B 204 12.83 5.46 19.72
N PHE B 205 11.61 5.18 19.30
CA PHE B 205 10.44 5.82 19.91
C PHE B 205 9.26 4.86 19.96
N TYR B 206 8.32 5.15 20.87
CA TYR B 206 7.06 4.44 20.97
C TYR B 206 5.96 5.48 20.98
N ALA B 207 5.15 5.51 19.92
CA ALA B 207 4.33 6.67 19.59
C ALA B 207 3.26 7.02 20.61
N ALA B 208 2.75 6.03 21.33
CA ALA B 208 1.71 6.31 22.34
C ALA B 208 2.27 7.01 23.57
N SER B 209 3.58 6.90 23.78
CA SER B 209 4.26 7.52 24.92
C SER B 209 5.09 8.73 24.56
N HIS B 210 5.67 8.73 23.36
CA HIS B 210 6.70 9.70 22.98
C HIS B 210 6.14 10.69 21.98
N ARG B 211 5.91 11.92 22.46
CA ARG B 211 5.13 12.91 21.76
C ARG B 211 6.05 13.92 21.04
N ASP B 212 5.68 15.20 21.04
CA ASP B 212 6.35 16.19 20.21
C ASP B 212 7.83 16.39 20.51
N ASN B 213 8.24 16.28 21.77
CA ASN B 213 9.65 16.47 22.11
C ASN B 213 10.55 15.41 21.45
N TYR B 214 10.03 14.18 21.33
CA TYR B 214 10.75 13.11 20.63
C TYR B 214 10.72 13.33 19.12
N LEU B 215 9.55 13.62 18.57
CA LEU B 215 9.42 13.87 17.13
C LEU B 215 10.35 15.01 16.71
N ASN B 216 10.35 16.09 17.48
CA ASN B 216 11.15 17.28 17.18
C ASN B 216 12.66 16.98 17.26
N ALA B 217 13.05 16.13 18.20
CA ALA B 217 14.44 15.70 18.33
C ALA B 217 14.89 14.90 17.11
N LEU B 218 14.01 14.03 16.61
CA LEU B 218 14.32 13.24 15.43
C LEU B 218 14.59 14.15 14.21
N ARG B 219 13.77 15.18 13.99
N ARG B 219 13.76 15.16 14.01
CA ARG B 219 13.99 16.07 12.86
CA ARG B 219 13.95 16.11 12.91
C ARG B 219 15.29 16.86 13.04
C ARG B 219 15.28 16.84 13.06
N GLU B 220 15.51 17.38 14.24
CA GLU B 220 16.75 18.11 14.56
C GLU B 220 17.96 17.24 14.24
N ALA B 221 17.95 16.02 14.75
CA ALA B 221 19.07 15.10 14.53
C ALA B 221 19.31 14.86 13.05
N SER B 222 18.24 14.70 12.26
CA SER B 222 18.36 14.35 10.86
C SER B 222 19.00 15.46 10.01
N GLU B 223 19.00 16.69 10.53
CA GLU B 223 19.69 17.79 9.85
C GLU B 223 21.15 17.93 10.29
N LEU B 224 21.54 17.20 11.33
CA LEU B 224 22.90 17.27 11.88
C LEU B 224 23.78 16.07 11.51
N PHE B 225 23.18 14.90 11.38
CA PHE B 225 23.90 13.66 11.10
C PHE B 225 22.91 12.57 10.65
N PRO B 226 23.41 11.47 10.08
CA PRO B 226 22.50 10.41 9.60
C PRO B 226 21.85 9.68 10.76
N VAL B 227 20.55 9.50 10.67
CA VAL B 227 19.78 8.78 11.69
C VAL B 227 19.10 7.58 11.06
N PHE B 228 19.08 6.47 11.81
CA PHE B 228 18.26 5.32 11.44
C PHE B 228 17.41 4.95 12.64
N VAL B 229 16.11 4.79 12.43
CA VAL B 229 15.22 4.36 13.50
C VAL B 229 15.21 2.86 13.53
N THR B 230 16.12 2.28 14.32
CA THR B 230 16.28 0.81 14.32
C THR B 230 15.21 0.09 15.12
N GLU B 231 14.43 0.84 15.90
CA GLU B 231 13.37 0.22 16.67
C GLU B 231 12.34 1.25 16.99
N PHE B 232 11.09 0.99 16.61
CA PHE B 232 10.00 1.83 17.07
C PHE B 232 8.72 1.04 17.20
N GLY B 233 7.78 1.59 17.96
CA GLY B 233 6.47 1.00 18.07
C GLY B 233 5.39 2.05 17.99
N THR B 234 4.16 1.59 17.79
CA THR B 234 2.98 2.47 17.76
C THR B 234 2.27 2.54 19.10
N GLU B 235 2.69 1.70 20.05
CA GLU B 235 2.04 1.58 21.35
C GLU B 235 2.89 2.29 22.41
N THR B 236 2.78 1.91 23.67
CA THR B 236 3.53 2.59 24.73
C THR B 236 4.97 2.11 24.79
N TYR B 237 5.74 2.77 25.64
CA TYR B 237 7.17 2.47 25.83
C TYR B 237 7.48 1.03 26.28
N THR B 238 6.46 0.28 26.70
CA THR B 238 6.66 -1.12 27.11
C THR B 238 6.62 -2.10 25.93
N GLY B 239 6.24 -1.61 24.75
CA GLY B 239 5.98 -2.45 23.60
C GLY B 239 4.60 -3.09 23.65
N ASP B 240 3.78 -2.64 24.58
CA ASP B 240 2.43 -3.17 24.77
C ASP B 240 1.48 -2.00 24.99
N GLY B 241 0.18 -2.27 25.02
CA GLY B 241 -0.80 -1.25 25.28
C GLY B 241 -1.50 -0.78 24.02
N ALA B 242 -2.29 0.28 24.16
CA ALA B 242 -3.08 0.79 23.06
C ALA B 242 -2.21 1.50 22.04
N ASN B 243 -2.54 1.30 20.77
CA ASN B 243 -1.85 1.96 19.68
C ASN B 243 -2.28 3.41 19.56
N ASP B 244 -1.33 4.27 19.17
CA ASP B 244 -1.63 5.63 18.79
C ASP B 244 -1.14 5.83 17.37
N PHE B 245 -1.95 5.36 16.43
CA PHE B 245 -1.58 5.42 15.01
C PHE B 245 -1.51 6.84 14.47
N GLN B 246 -2.27 7.76 15.06
CA GLN B 246 -2.22 9.15 14.63
C GLN B 246 -0.86 9.76 14.94
N MET B 247 -0.33 9.49 16.13
CA MET B 247 1.00 9.99 16.47
C MET B 247 2.05 9.27 15.62
N ALA B 248 1.90 7.96 15.46
CA ALA B 248 2.83 7.17 14.67
C ALA B 248 2.90 7.67 13.24
N ASP B 249 1.76 8.06 12.68
CA ASP B 249 1.71 8.57 11.32
C ASP B 249 2.49 9.89 11.17
N ARG B 250 2.52 10.71 12.22
CA ARG B 250 3.34 11.91 12.19
C ARG B 250 4.84 11.55 12.11
N TYR B 251 5.26 10.53 12.84
CA TYR B 251 6.65 10.06 12.73
C TYR B 251 6.90 9.50 11.32
N ILE B 252 5.95 8.72 10.81
CA ILE B 252 6.07 8.16 9.47
C ILE B 252 6.23 9.25 8.43
N ASP B 253 5.45 10.32 8.53
CA ASP B 253 5.54 11.42 7.57
C ASP B 253 6.88 12.14 7.66
N LEU B 254 7.37 12.38 8.87
CA LEU B 254 8.67 13.00 9.05
C LEU B 254 9.78 12.12 8.44
N MET B 255 9.72 10.83 8.74
CA MET B 255 10.75 9.93 8.26
C MET B 255 10.73 9.81 6.75
N ALA B 256 9.54 9.85 6.15
CA ALA B 256 9.40 9.82 4.69
C ALA B 256 10.04 11.07 4.09
N GLU B 257 9.77 12.23 4.71
CA GLU B 257 10.27 13.52 4.22
C GLU B 257 11.79 13.61 4.24
N ARG B 258 12.39 13.11 5.32
CA ARG B 258 13.83 13.20 5.53
C ARG B 258 14.56 11.91 5.09
N LYS B 259 13.81 10.97 4.54
CA LYS B 259 14.32 9.66 4.14
C LYS B 259 15.10 8.94 5.24
N ILE B 260 14.54 9.00 6.45
CA ILE B 260 15.04 8.27 7.59
C ILE B 260 14.51 6.84 7.53
N GLY B 261 15.42 5.87 7.44
CA GLY B 261 15.07 4.46 7.41
C GLY B 261 14.54 4.00 8.75
N TRP B 262 13.75 2.94 8.74
CA TRP B 262 13.20 2.39 9.97
C TRP B 262 12.91 0.89 9.93
N THR B 263 12.97 0.26 11.11
CA THR B 263 12.56 -1.11 11.32
C THR B 263 11.67 -1.19 12.54
N LYS B 264 10.42 -1.60 12.36
CA LYS B 264 9.47 -1.64 13.44
C LYS B 264 9.66 -2.86 14.35
N TRP B 265 9.51 -2.63 15.64
CA TRP B 265 9.47 -3.66 16.66
C TRP B 265 8.03 -4.18 16.72
N ASN B 266 7.75 -5.44 16.40
CA ASN B 266 8.69 -6.47 15.97
C ASN B 266 7.95 -7.58 15.20
N TYR B 267 8.72 -8.44 14.51
CA TYR B 267 8.21 -9.49 13.64
C TYR B 267 8.18 -10.79 14.41
N SER B 268 7.19 -10.91 15.27
CA SER B 268 6.98 -12.12 16.06
C SER B 268 5.53 -12.24 16.44
N ASP B 269 5.21 -13.35 17.12
CA ASP B 269 3.86 -13.57 17.65
C ASP B 269 3.84 -13.52 19.17
N ASP B 270 4.70 -12.69 19.74
CA ASP B 270 4.67 -12.41 21.16
C ASP B 270 3.30 -11.86 21.54
N PHE B 271 2.93 -11.98 22.82
CA PHE B 271 1.60 -11.55 23.28
C PHE B 271 1.40 -10.02 23.25
N ARG B 272 2.49 -9.27 23.28
CA ARG B 272 2.39 -7.80 23.33
C ARG B 272 1.87 -7.23 22.02
N SER B 273 1.22 -6.08 22.13
CA SER B 273 0.53 -5.48 20.99
C SER B 273 1.48 -5.09 19.86
N GLY B 274 2.73 -4.82 20.18
CA GLY B 274 3.72 -4.42 19.20
C GLY B 274 4.23 -5.54 18.31
N ALA B 275 4.12 -6.77 18.77
CA ALA B 275 4.47 -7.91 17.94
C ALA B 275 3.37 -8.07 16.90
N VAL B 276 3.75 -8.13 15.63
CA VAL B 276 2.78 -8.02 14.55
C VAL B 276 1.80 -9.18 14.38
N PHE B 277 2.15 -10.37 14.89
CA PHE B 277 1.31 -11.56 14.69
C PHE B 277 0.58 -11.97 15.97
N GLN B 278 -0.60 -12.55 15.79
CA GLN B 278 -1.36 -13.09 16.92
C GLN B 278 -0.62 -14.29 17.50
N PRO B 279 -0.60 -14.44 18.82
CA PRO B 279 0.01 -15.63 19.43
C PRO B 279 -0.43 -16.93 18.79
N GLY B 280 0.54 -17.81 18.56
CA GLY B 280 0.32 -19.09 17.91
C GLY B 280 0.58 -19.09 16.41
N THR B 281 0.71 -17.91 15.82
CA THR B 281 0.88 -17.81 14.38
C THR B 281 2.14 -18.51 13.90
N CYS B 282 3.21 -18.35 14.66
CA CYS B 282 4.49 -18.87 14.22
C CYS B 282 4.49 -20.41 14.26
N ALA B 283 3.91 -20.98 15.32
CA ALA B 283 3.78 -22.42 15.44
C ALA B 283 2.90 -23.00 14.35
N SER B 284 1.91 -22.22 13.92
CA SER B 284 0.98 -22.65 12.88
C SER B 284 1.56 -22.48 11.47
N GLY B 285 2.73 -21.84 11.37
CA GLY B 285 3.39 -21.63 10.11
C GLY B 285 2.71 -20.58 9.26
N GLY B 286 2.06 -19.62 9.92
CA GLY B 286 1.34 -18.55 9.26
C GLY B 286 -0.17 -18.72 9.35
N PRO B 287 -0.93 -18.04 8.50
CA PRO B 287 -0.41 -17.14 7.47
C PRO B 287 0.18 -15.88 8.07
N TRP B 288 0.89 -15.12 7.26
CA TRP B 288 1.65 -13.98 7.72
C TRP B 288 0.98 -12.69 7.28
N SER B 289 -0.33 -12.77 7.11
CA SER B 289 -1.19 -11.65 6.74
C SER B 289 -2.61 -11.90 7.25
N GLY B 290 -3.55 -11.04 6.88
CA GLY B 290 -4.95 -11.22 7.22
C GLY B 290 -5.23 -11.26 8.72
N SER B 291 -6.04 -12.23 9.13
CA SER B 291 -6.50 -12.32 10.52
C SER B 291 -5.39 -12.72 11.49
N SER B 292 -4.25 -13.16 10.95
CA SER B 292 -3.08 -13.47 11.76
C SER B 292 -2.35 -12.23 12.28
N LEU B 293 -2.68 -11.05 11.77
CA LEU B 293 -2.04 -9.81 12.21
C LEU B 293 -2.77 -9.14 13.35
N LYS B 294 -2.01 -8.60 14.29
CA LYS B 294 -2.53 -7.63 15.26
C LYS B 294 -2.75 -6.31 14.53
N ALA B 295 -3.43 -5.37 15.18
CA ALA B 295 -3.66 -4.04 14.60
C ALA B 295 -2.36 -3.36 14.17
N SER B 296 -1.32 -3.46 15.00
CA SER B 296 -0.01 -2.87 14.69
C SER B 296 0.61 -3.52 13.45
N GLY B 297 0.38 -4.83 13.29
CA GLY B 297 0.83 -5.55 12.12
C GLY B 297 0.14 -5.12 10.84
N GLN B 298 -1.19 -4.96 10.89
N GLN B 298 -1.19 -4.97 10.92
CA GLN B 298 -1.93 -4.48 9.72
CA GLN B 298 -1.99 -4.47 9.81
C GLN B 298 -1.43 -3.09 9.35
C GLN B 298 -1.48 -3.11 9.37
N TRP B 299 -1.22 -2.25 10.35
CA TRP B 299 -0.76 -0.89 10.11
C TRP B 299 0.60 -0.85 9.42
N VAL B 300 1.58 -1.59 9.94
CA VAL B 300 2.92 -1.50 9.39
C VAL B 300 3.02 -2.18 8.02
N ARG B 301 2.33 -3.30 7.85
CA ARG B 301 2.31 -3.98 6.57
C ARG B 301 1.74 -3.06 5.50
N SER B 302 0.67 -2.34 5.85
CA SER B 302 0.05 -1.40 4.91
C SER B 302 1.01 -0.26 4.57
N LYS B 303 1.73 0.25 5.56
CA LYS B 303 2.76 1.27 5.28
C LYS B 303 3.80 0.74 4.30
N LEU B 304 4.26 -0.49 4.50
CA LEU B 304 5.34 -1.06 3.70
C LEU B 304 4.93 -1.40 2.28
N GLN B 305 3.64 -1.62 2.06
CA GLN B 305 3.17 -2.04 0.74
C GLN B 305 3.02 -0.86 -0.22
N SER B 306 3.06 0.36 0.33
CA SER B 306 3.12 1.58 -0.49
C SER B 306 4.22 2.50 0.03
C1 BEN C . -34.99 -7.02 -4.55
C1 BEN C . -33.90 -7.97 -0.96
C2 BEN C . -34.30 -8.15 -4.97
C2 BEN C . -34.86 -7.16 -1.57
C3 BEN C . -34.24 -9.28 -4.14
C3 BEN C . -35.51 -7.61 -2.72
C4 BEN C . -34.88 -9.28 -2.91
C4 BEN C . -35.19 -8.83 -3.30
C5 BEN C . -35.57 -8.14 -2.48
C5 BEN C . -34.22 -9.63 -2.70
C6 BEN C . -35.63 -7.01 -3.30
C6 BEN C . -33.59 -9.21 -1.53
C BEN C . -35.04 -5.88 -5.37
C BEN C . -33.22 -7.53 0.20
N1 BEN C . -35.61 -5.90 -6.56
N1 BEN C . -33.58 -6.47 0.90
N2 BEN C . -34.48 -4.73 -4.97
N2 BEN C . -32.14 -8.17 0.65
ZN ZN D . -23.23 8.45 -35.05
ZN ZN E . -36.63 1.18 -13.94
ZN ZN F . -8.49 22.45 -13.08
ZN ZN G . -9.84 6.04 -9.64
NA NA H . -35.51 1.35 -14.80
NA NA I . -7.90 8.27 -10.93
C1 BEN J . 35.43 10.33 7.60
C1 BEN J . 35.16 6.98 5.03
C2 BEN J . 36.45 9.71 6.87
C2 BEN J . 34.19 7.77 4.41
C3 BEN J . 36.29 9.46 5.51
C3 BEN J . 34.38 9.15 4.31
C4 BEN J . 35.11 9.82 4.87
C4 BEN J . 35.54 9.73 4.83
C5 BEN J . 34.10 10.43 5.60
C5 BEN J . 36.50 8.94 5.45
C6 BEN J . 34.24 10.68 6.96
C6 BEN J . 36.31 7.56 5.55
C BEN J . 35.59 10.60 8.98
C BEN J . 34.95 5.61 5.14
N1 BEN J . 34.88 11.54 9.57
N1 BEN J . 34.91 5.01 6.31
N2 BEN J . 36.44 9.93 9.72
N2 BEN J . 34.78 4.87 4.05
ZN ZN K . 11.24 -19.60 0.27
ZN ZN L . 24.56 0.65 -9.68
ZN ZN M . 31.84 -4.50 2.72
ZN ZN N . 13.99 -1.70 22.73
NA NA O . 14.16 -17.10 29.94
NA NA P . 31.06 -5.34 2.52
NA NA P . 32.81 -4.91 2.21
#